data_8B9I
#
_entry.id   8B9I
#
_cell.length_a   1.00
_cell.length_b   1.00
_cell.length_c   1.00
_cell.angle_alpha   90.00
_cell.angle_beta   90.00
_cell.angle_gamma   90.00
#
_symmetry.space_group_name_H-M   'P 1'
#
loop_
_entity.id
_entity.type
_entity.pdbx_description
1 polymer 'Dosage compensation regulator'
2 polymer "RNA (5'-R(P*CP*CP*UP*CP*UP*UP*UP*CP*UP*UP*U)-3')"
3 non-polymer "ADENOSINE-5'-DIPHOSPHATE"
4 non-polymer 'MAGNESIUM ION'
5 non-polymer 'TETRAFLUOROALUMINATE ION'
6 water water
#
loop_
_entity_poly.entity_id
_entity_poly.type
_entity_poly.pdbx_seq_one_letter_code
_entity_poly.pdbx_strand_id
1 'polypeptide(L)'
;MDIKSFLYQFCAKSQIEPKFDIRQTGPKNRQRFLCEVRVEPNTYIGVGNSTNKKDAEKNACRDFVNYLVRVGKLNTNDVP
ADAGASGGGPRTGLEGAGMAGGSGQQKRVFDGQSGPQDLGEAYRPLNHDGGDGGNRYSVIDRIQEQRDMNEAEAFDVNAA
IHGNWTIENAKERLNIYKQTNNIRDDYKYTPVGPEHARSFLAELSIYVPALNRTVTARESGSNKKSASKSCALSLVRQLF
HLNVIEPFSGTLKKKKDEQLKPYPVKLSPNLINKIDEVIKGLDLPVVNPRNIKIELDGPPIPLIVNLSRIDSSQQDGEKR
QESSVIPWAPPQANWNTWHACNIDEGELATTSIDDLSMDYERSLRDRRQNDNEYRQFLEFREKLPIAAMRSEILTAINDN
PVVIIRGNTGCGKTTQIAQYILDDYICSGQGGYANIYVTQPRRISAISVAERVARERCEQLGDTVGYSVRFESVFPRPYG
AILFCTVGVLLRKLEAGLRGVSHIIVDEIHERDVNSDFLLVILRDMVDTYPDLHVILMSATIDTTKFSKYFGICPVLEVP
GRAFPVQQFFLEDIIQMTDFVPSAESRRKRKEVEDEEQLLSEDKDEAEINYNKVCEDKYSQKTRNAMAMLSESDVSFELL
EALLMHIKSKNIPGAILVFLPGWNLIFALMKFLQNTNIFGDTSQYQILPCHSQIPRDEQRKVFEPVPEGVTKIILSTNIA
ETSITIDDIVFVIDICKARMKLFTSHNNLTSYATVWASKTNLEQRKGRAGRVRPGFCFTLCSRARFQALEDNLTPEMFRT
PLHEMALTIKLLRLGSIHHFLSKALEPPPVDAVIEAEVLLREMRCLDANDELTPLGRLLARLPIEPRLGKMMVLGAVFGC
ADLMAIMASYSSTFSEVFSLDIGQRRLANHQKALSGTKCSDHVAMIVASQMWRREKQRGEHMEARFCDWKGLQMSTMNVI
WDAKQQLLDLLQQAGFPEECMISHEVDERIDGDDPVLDVSLALLCLGLYPNICVHKEKRKVLTTESKAALLHKTSVNCSN
LAVTFPYPFFVFGEKIRTRAVSCKQLSMVSPLQVILFGSRKIDLAANNIVRVDNWLNFDIEPELAAKIGALKPALEDLIT
VACDNPSDILRLEEPYAQLVKVVKDLCVKSAGDFGLQRE
;
A
2 'polyribonucleotide' CCUCUUUCUUUC C
#
loop_
_chem_comp.id
_chem_comp.type
_chem_comp.name
_chem_comp.formula
ADP non-polymer ADENOSINE-5'-DIPHOSPHATE 'C10 H15 N5 O10 P2'
ALF non-polymer 'TETRAFLUOROALUMINATE ION' 'Al F4 -1'
C RNA linking CYTIDINE-5'-MONOPHOSPHATE 'C9 H14 N3 O8 P'
MG non-polymer 'MAGNESIUM ION' 'Mg 2'
U RNA linking URIDINE-5'-MONOPHOSPHATE 'C9 H13 N2 O9 P'
#
# COMPACT_ATOMS: atom_id res chain seq x y z
N GLU A 145 1.00 -11.42 -31.40
CA GLU A 145 0.56 -12.41 -30.43
C GLU A 145 1.53 -12.49 -29.26
N GLN A 146 1.23 -11.74 -28.20
CA GLN A 146 1.93 -11.68 -26.91
C GLN A 146 3.42 -11.40 -27.05
N ARG A 147 3.89 -11.09 -28.26
CA ARG A 147 5.27 -10.65 -28.41
C ARG A 147 5.48 -9.29 -27.75
N ASP A 148 4.49 -8.41 -27.86
CA ASP A 148 4.55 -7.13 -27.16
C ASP A 148 4.62 -7.34 -25.66
N MET A 149 3.84 -8.28 -25.14
CA MET A 149 3.94 -8.65 -23.72
C MET A 149 5.33 -9.15 -23.36
N ASN A 150 5.91 -10.00 -24.21
CA ASN A 150 7.23 -10.55 -23.93
C ASN A 150 8.27 -9.43 -23.85
N GLU A 151 8.27 -8.52 -24.83
CA GLU A 151 9.23 -7.42 -24.80
C GLU A 151 8.97 -6.48 -23.64
N ALA A 152 7.70 -6.21 -23.33
CA ALA A 152 7.37 -5.30 -22.24
C ALA A 152 7.84 -5.85 -20.90
N GLU A 153 7.71 -7.16 -20.69
CA GLU A 153 8.22 -7.75 -19.46
C GLU A 153 9.74 -7.83 -19.46
N ALA A 154 10.34 -8.21 -20.58
CA ALA A 154 11.80 -8.31 -20.66
C ALA A 154 12.47 -6.95 -20.59
N PHE A 155 11.71 -5.87 -20.73
CA PHE A 155 12.28 -4.53 -20.69
C PHE A 155 12.85 -4.25 -19.30
N ASP A 156 14.00 -3.58 -19.27
CA ASP A 156 14.75 -3.34 -18.04
C ASP A 156 15.10 -1.87 -17.91
N VAL A 157 15.15 -1.39 -16.68
CA VAL A 157 15.48 0.00 -16.38
C VAL A 157 16.78 0.10 -15.59
N ASN A 158 16.80 -0.49 -14.40
CA ASN A 158 17.80 -0.22 -13.38
C ASN A 158 19.00 -1.15 -13.50
N ALA A 159 19.29 -1.65 -14.70
CA ALA A 159 20.46 -2.48 -14.88
C ALA A 159 21.76 -1.73 -14.58
N ALA A 160 21.76 -0.40 -14.72
CA ALA A 160 22.98 0.36 -14.51
C ALA A 160 23.47 0.27 -13.06
N ILE A 161 22.55 0.33 -12.10
CA ILE A 161 22.94 0.31 -10.70
C ILE A 161 23.17 -1.09 -10.16
N HIS A 162 22.86 -2.12 -10.95
CA HIS A 162 23.01 -3.51 -10.53
C HIS A 162 24.14 -4.19 -11.28
N GLY A 163 25.24 -3.46 -11.51
CA GLY A 163 26.38 -4.03 -12.21
C GLY A 163 26.10 -4.44 -13.64
N ASN A 164 25.22 -3.71 -14.33
CA ASN A 164 24.91 -3.96 -15.73
C ASN A 164 24.42 -5.38 -15.97
N TRP A 165 23.57 -5.88 -15.07
CA TRP A 165 22.97 -7.20 -15.20
C TRP A 165 21.53 -7.05 -15.66
N THR A 166 21.18 -7.75 -16.74
CA THR A 166 19.90 -7.61 -17.42
C THR A 166 19.27 -9.00 -17.55
N ILE A 167 18.01 -9.04 -17.97
CA ILE A 167 17.34 -10.31 -18.21
C ILE A 167 18.06 -11.10 -19.31
N GLU A 168 18.56 -10.41 -20.32
CA GLU A 168 19.12 -11.08 -21.49
C GLU A 168 20.38 -11.89 -21.18
N ASN A 169 21.03 -11.63 -20.04
CA ASN A 169 22.21 -12.38 -19.64
C ASN A 169 22.10 -12.99 -18.25
N ALA A 170 21.04 -12.67 -17.50
CA ALA A 170 20.94 -13.11 -16.12
C ALA A 170 20.84 -14.61 -16.01
N LYS A 171 20.03 -15.25 -16.85
CA LYS A 171 19.88 -16.69 -16.77
C LYS A 171 21.18 -17.40 -17.12
N GLU A 172 21.91 -16.89 -18.12
CA GLU A 172 23.19 -17.48 -18.47
C GLU A 172 24.19 -17.35 -17.32
N ARG A 173 24.25 -16.18 -16.70
CA ARG A 173 25.18 -16.00 -15.58
C ARG A 173 24.80 -16.89 -14.40
N LEU A 174 23.50 -17.00 -14.11
CA LEU A 174 23.05 -17.86 -13.02
C LEU A 174 23.37 -19.32 -13.30
N ASN A 175 23.20 -19.75 -14.56
CA ASN A 175 23.50 -21.12 -14.92
C ASN A 175 24.98 -21.41 -14.78
N ILE A 176 25.84 -20.48 -15.22
CA ILE A 176 27.27 -20.67 -15.04
C ILE A 176 27.64 -20.73 -13.57
N TYR A 177 27.02 -19.87 -12.75
CA TYR A 177 27.30 -19.88 -11.31
C TYR A 177 26.88 -21.21 -10.69
N LYS A 178 25.71 -21.72 -11.05
CA LYS A 178 25.25 -22.99 -10.52
C LYS A 178 26.13 -24.15 -10.96
N GLN A 179 26.57 -24.13 -12.22
CA GLN A 179 27.48 -25.17 -12.70
C GLN A 179 28.80 -25.13 -11.95
N THR A 180 29.32 -23.93 -11.72
CA THR A 180 30.60 -23.81 -11.00
C THR A 180 30.46 -24.26 -9.56
N ASN A 181 29.36 -23.90 -8.90
CA ASN A 181 29.21 -24.14 -7.47
C ASN A 181 28.40 -25.39 -7.15
N ASN A 182 28.09 -26.22 -8.16
CA ASN A 182 27.39 -27.49 -7.95
C ASN A 182 26.06 -27.30 -7.22
N ILE A 183 25.28 -26.33 -7.68
CA ILE A 183 23.94 -26.07 -7.16
C ILE A 183 22.94 -26.54 -8.20
N ARG A 184 22.11 -27.50 -7.82
CA ARG A 184 21.21 -28.15 -8.77
C ARG A 184 19.74 -27.85 -8.51
N ASP A 185 19.44 -26.88 -7.64
CA ASP A 185 18.05 -26.54 -7.38
C ASP A 185 17.46 -25.78 -8.57
N ASP A 186 16.29 -26.23 -9.01
CA ASP A 186 15.59 -25.67 -10.16
C ASP A 186 14.53 -24.68 -9.70
N TYR A 187 13.98 -23.96 -10.67
CA TYR A 187 12.92 -23.00 -10.39
C TYR A 187 11.65 -23.71 -9.93
N LYS A 188 10.91 -23.04 -9.07
CA LYS A 188 9.59 -23.49 -8.63
C LYS A 188 8.56 -22.52 -9.17
N TYR A 189 7.47 -23.05 -9.71
CA TYR A 189 6.45 -22.24 -10.37
C TYR A 189 5.13 -22.37 -9.64
N THR A 190 4.40 -21.26 -9.56
CA THR A 190 3.08 -21.22 -8.95
C THR A 190 2.11 -20.59 -9.95
N PRO A 191 1.13 -21.34 -10.45
CA PRO A 191 0.12 -20.74 -11.32
C PRO A 191 -0.69 -19.69 -10.57
N VAL A 192 -1.13 -18.66 -11.29
CA VAL A 192 -1.88 -17.55 -10.71
C VAL A 192 -3.16 -17.35 -11.51
N GLY A 193 -4.28 -17.22 -10.80
CA GLY A 193 -5.53 -16.84 -11.41
C GLY A 193 -6.13 -17.95 -12.23
N PRO A 194 -7.35 -17.73 -12.71
CA PRO A 194 -8.01 -18.75 -13.56
C PRO A 194 -7.23 -18.98 -14.85
N GLU A 195 -7.74 -19.92 -15.65
CA GLU A 195 -6.97 -20.43 -16.78
C GLU A 195 -6.70 -19.38 -17.85
N HIS A 196 -7.47 -18.29 -17.88
CA HIS A 196 -7.23 -17.26 -18.90
C HIS A 196 -6.17 -16.26 -18.44
N ALA A 197 -6.37 -15.67 -17.26
CA ALA A 197 -5.41 -14.71 -16.70
C ALA A 197 -4.33 -15.45 -15.90
N ARG A 198 -3.58 -16.28 -16.63
CA ARG A 198 -2.57 -17.15 -16.02
C ARG A 198 -1.23 -16.42 -15.98
N SER A 199 -0.73 -16.19 -14.77
CA SER A 199 0.64 -15.74 -14.55
C SER A 199 1.32 -16.74 -13.62
N PHE A 200 2.60 -16.52 -13.36
CA PHE A 200 3.40 -17.44 -12.57
C PHE A 200 4.30 -16.67 -11.61
N LEU A 201 4.55 -17.25 -10.45
CA LEU A 201 5.66 -16.83 -9.60
C LEU A 201 6.79 -17.82 -9.74
N ALA A 202 7.98 -17.31 -10.04
CA ALA A 202 9.19 -18.12 -10.10
C ALA A 202 9.96 -17.91 -8.82
N GLU A 203 10.31 -19.00 -8.15
CA GLU A 203 11.03 -18.97 -6.89
C GLU A 203 12.28 -19.83 -6.99
N LEU A 204 13.42 -19.26 -6.60
CA LEU A 204 14.67 -20.02 -6.56
C LEU A 204 15.50 -19.54 -5.38
N SER A 205 15.92 -20.48 -4.55
CA SER A 205 16.73 -20.20 -3.37
C SER A 205 18.11 -20.82 -3.57
N ILE A 206 19.15 -20.02 -3.38
CA ILE A 206 20.53 -20.45 -3.56
C ILE A 206 21.31 -20.15 -2.29
N TYR A 207 22.02 -21.16 -1.78
CA TYR A 207 22.80 -21.05 -0.57
C TYR A 207 24.27 -20.88 -0.93
N VAL A 208 24.90 -19.86 -0.35
CA VAL A 208 26.31 -19.56 -0.60
C VAL A 208 27.11 -19.97 0.63
N PRO A 209 27.98 -20.97 0.53
CA PRO A 209 28.82 -21.32 1.70
C PRO A 209 29.72 -20.19 2.15
N ALA A 210 30.16 -19.33 1.23
CA ALA A 210 31.07 -18.24 1.60
C ALA A 210 30.42 -17.28 2.57
N LEU A 211 29.16 -16.92 2.34
CA LEU A 211 28.47 -15.96 3.18
C LEU A 211 27.51 -16.61 4.17
N ASN A 212 27.29 -17.92 4.06
CA ASN A 212 26.43 -18.66 4.99
C ASN A 212 25.03 -18.06 5.07
N ARG A 213 24.50 -17.65 3.92
CA ARG A 213 23.16 -17.07 3.85
C ARG A 213 22.46 -17.59 2.60
N THR A 214 21.22 -18.01 2.75
CA THR A 214 20.42 -18.47 1.63
C THR A 214 19.82 -17.26 0.91
N VAL A 215 20.16 -17.10 -0.36
CA VAL A 215 19.74 -15.95 -1.15
C VAL A 215 18.59 -16.39 -2.03
N THR A 216 17.40 -15.85 -1.76
CA THR A 216 16.17 -16.28 -2.42
C THR A 216 15.62 -15.16 -3.29
N ALA A 217 14.78 -15.54 -4.23
CA ALA A 217 14.12 -14.61 -5.13
C ALA A 217 12.70 -15.08 -5.40
N ARG A 218 11.81 -14.13 -5.68
CA ARG A 218 10.42 -14.44 -5.95
C ARG A 218 9.88 -13.39 -6.91
N GLU A 219 9.78 -13.74 -8.19
CA GLU A 219 9.39 -12.78 -9.20
C GLU A 219 8.27 -13.37 -10.04
N SER A 220 7.47 -12.49 -10.63
CA SER A 220 6.30 -12.87 -11.39
C SER A 220 6.49 -12.58 -12.87
N GLY A 221 5.56 -13.08 -13.67
CA GLY A 221 5.60 -12.86 -15.10
C GLY A 221 4.36 -13.45 -15.74
N SER A 222 4.12 -13.02 -16.98
CA SER A 222 2.96 -13.52 -17.71
C SER A 222 3.08 -15.00 -18.06
N ASN A 223 4.29 -15.50 -18.25
CA ASN A 223 4.50 -16.91 -18.54
C ASN A 223 5.68 -17.43 -17.73
N LYS A 224 5.89 -18.73 -17.82
CA LYS A 224 6.97 -19.38 -17.08
C LYS A 224 8.32 -18.79 -17.44
N LYS A 225 8.55 -18.58 -18.74
CA LYS A 225 9.84 -18.08 -19.21
C LYS A 225 10.11 -16.68 -18.66
N SER A 226 9.12 -15.78 -18.76
CA SER A 226 9.31 -14.42 -18.26
C SER A 226 9.49 -14.40 -16.74
N ALA A 227 8.69 -15.20 -16.02
CA ALA A 227 8.83 -15.24 -14.57
C ALA A 227 10.21 -15.74 -14.17
N SER A 228 10.70 -16.78 -14.85
CA SER A 228 12.02 -17.34 -14.52
C SER A 228 13.13 -16.36 -14.87
N LYS A 229 12.99 -15.63 -15.98
CA LYS A 229 13.98 -14.62 -16.34
C LYS A 229 14.02 -13.51 -15.30
N SER A 230 12.86 -13.06 -14.83
CA SER A 230 12.85 -12.04 -13.78
C SER A 230 13.46 -12.56 -12.49
N CYS A 231 13.15 -13.81 -12.13
CA CYS A 231 13.75 -14.42 -10.94
C CYS A 231 15.26 -14.50 -11.05
N ALA A 232 15.76 -14.94 -12.21
CA ALA A 232 17.20 -15.04 -12.41
C ALA A 232 17.85 -13.67 -12.37
N LEU A 233 17.20 -12.66 -12.94
CA LEU A 233 17.74 -11.30 -12.88
C LEU A 233 17.87 -10.82 -11.45
N SER A 234 16.81 -11.00 -10.66
CA SER A 234 16.85 -10.54 -9.27
C SER A 234 17.89 -11.31 -8.46
N LEU A 235 17.98 -12.62 -8.70
CA LEU A 235 18.97 -13.44 -7.98
C LEU A 235 20.40 -13.03 -8.35
N VAL A 236 20.66 -12.79 -9.64
CA VAL A 236 21.98 -12.39 -10.07
C VAL A 236 22.33 -11.01 -9.51
N ARG A 237 21.37 -10.09 -9.49
CA ARG A 237 21.61 -8.78 -8.89
C ARG A 237 21.93 -8.91 -7.41
N GLN A 238 21.19 -9.76 -6.69
CA GLN A 238 21.48 -9.99 -5.28
C GLN A 238 22.88 -10.55 -5.09
N LEU A 239 23.24 -11.55 -5.89
CA LEU A 239 24.57 -12.16 -5.78
C LEU A 239 25.67 -11.15 -6.09
N PHE A 240 25.44 -10.29 -7.09
CA PHE A 240 26.41 -9.24 -7.39
C PHE A 240 26.57 -8.27 -6.23
N HIS A 241 25.45 -7.84 -5.63
CA HIS A 241 25.54 -6.87 -4.56
C HIS A 241 26.11 -7.47 -3.29
N LEU A 242 26.06 -8.80 -3.15
CA LEU A 242 26.71 -9.48 -2.04
C LEU A 242 28.18 -9.78 -2.31
N ASN A 243 28.70 -9.27 -3.43
CA ASN A 243 30.11 -9.45 -3.81
C ASN A 243 30.43 -10.92 -4.06
N VAL A 244 29.42 -11.69 -4.43
CA VAL A 244 29.62 -13.09 -4.78
C VAL A 244 30.05 -13.23 -6.23
N ILE A 245 29.37 -12.53 -7.15
CA ILE A 245 29.74 -12.51 -8.55
C ILE A 245 30.24 -11.12 -8.90
N GLU A 246 30.63 -10.96 -10.16
CA GLU A 246 31.29 -9.78 -10.68
C GLU A 246 30.34 -8.94 -11.51
N PRO A 247 30.63 -7.65 -11.68
CA PRO A 247 29.85 -6.85 -12.62
C PRO A 247 30.08 -7.29 -14.06
N PHE A 248 29.05 -7.08 -14.89
CA PHE A 248 29.15 -7.44 -16.29
C PHE A 248 30.19 -6.60 -17.01
N SER A 249 30.98 -7.25 -17.86
CA SER A 249 31.97 -6.58 -18.69
C SER A 249 31.66 -6.62 -20.18
N GLY A 250 30.74 -7.48 -20.60
CA GLY A 250 30.38 -7.62 -21.99
C GLY A 250 29.32 -6.62 -22.42
N THR A 251 28.76 -6.86 -23.60
CA THR A 251 27.75 -5.99 -24.17
C THR A 251 26.62 -6.84 -24.71
N LEU A 252 25.41 -6.29 -24.67
CA LEU A 252 24.24 -6.99 -25.15
C LEU A 252 24.28 -7.12 -26.68
N LYS A 253 23.29 -7.81 -27.23
CA LYS A 253 23.22 -8.09 -28.66
C LYS A 253 21.96 -7.45 -29.23
N LYS A 254 22.16 -6.44 -30.09
CA LYS A 254 21.11 -5.77 -30.84
C LYS A 254 20.16 -4.99 -29.94
N LYS A 255 19.47 -4.00 -30.50
CA LYS A 255 18.53 -3.19 -29.72
C LYS A 255 17.15 -3.17 -30.38
N LYS A 256 17.12 -3.12 -31.72
CA LYS A 256 15.87 -2.99 -32.48
C LYS A 256 15.09 -1.76 -32.02
N ASP A 257 15.69 -0.59 -32.22
CA ASP A 257 15.12 0.65 -31.70
C ASP A 257 13.81 0.99 -32.42
N GLU A 258 13.88 1.22 -33.73
CA GLU A 258 12.73 1.64 -34.54
C GLU A 258 12.08 2.89 -33.93
N GLN A 259 12.86 3.97 -33.93
CA GLN A 259 12.44 5.21 -33.29
C GLN A 259 11.25 5.83 -34.01
N LEU A 260 10.43 6.54 -33.25
CA LEU A 260 9.26 7.22 -33.78
C LEU A 260 9.64 8.57 -34.38
N LYS A 261 8.74 9.12 -35.18
CA LYS A 261 9.00 10.38 -35.85
C LYS A 261 9.09 11.52 -34.83
N PRO A 262 9.95 12.51 -35.09
CA PRO A 262 10.08 13.63 -34.17
C PRO A 262 8.81 14.47 -34.11
N TYR A 263 8.62 15.12 -32.97
CA TYR A 263 7.45 15.96 -32.72
C TYR A 263 7.84 17.43 -32.79
N PRO A 264 7.15 18.25 -33.58
CA PRO A 264 7.55 19.65 -33.70
C PRO A 264 7.00 20.49 -32.55
N VAL A 265 7.82 21.44 -32.10
CA VAL A 265 7.43 22.39 -31.05
C VAL A 265 8.14 23.71 -31.34
N LYS A 266 7.40 24.81 -31.33
CA LYS A 266 7.98 26.13 -31.53
C LYS A 266 7.49 27.08 -30.43
N LEU A 267 8.41 27.89 -29.93
CA LEU A 267 8.10 28.88 -28.91
C LEU A 267 8.00 30.26 -29.52
N SER A 268 7.21 31.11 -28.88
CA SER A 268 7.11 32.49 -29.30
C SER A 268 8.41 33.22 -28.99
N PRO A 269 8.75 34.24 -29.79
CA PRO A 269 10.02 34.96 -29.55
C PRO A 269 10.09 35.59 -28.16
N ASN A 270 8.98 36.14 -27.66
CA ASN A 270 9.00 36.72 -26.32
C ASN A 270 9.14 35.64 -25.25
N LEU A 271 8.58 34.45 -25.50
CA LEU A 271 8.74 33.36 -24.56
C LEU A 271 10.19 32.89 -24.51
N ILE A 272 10.84 32.79 -25.67
CA ILE A 272 12.27 32.45 -25.68
C ILE A 272 13.08 33.55 -24.99
N ASN A 273 12.73 34.81 -25.23
CA ASN A 273 13.44 35.91 -24.61
C ASN A 273 13.32 35.87 -23.09
N LYS A 274 12.13 35.56 -22.59
CA LYS A 274 11.96 35.52 -21.13
C LYS A 274 12.64 34.29 -20.53
N ILE A 275 12.70 33.18 -21.27
CA ILE A 275 13.50 32.04 -20.81
C ILE A 275 14.96 32.45 -20.68
N ASP A 276 15.48 33.14 -21.70
CA ASP A 276 16.87 33.60 -21.65
C ASP A 276 17.10 34.57 -20.50
N GLU A 277 16.14 35.48 -20.27
CA GLU A 277 16.28 36.43 -19.18
C GLU A 277 16.30 35.72 -17.83
N VAL A 278 15.43 34.72 -17.65
CA VAL A 278 15.42 33.96 -16.40
C VAL A 278 16.72 33.21 -16.23
N ILE A 279 17.23 32.60 -17.31
CA ILE A 279 18.50 31.89 -17.24
C ILE A 279 19.63 32.83 -16.82
N LYS A 280 19.68 34.01 -17.43
CA LYS A 280 20.73 34.96 -17.10
C LYS A 280 20.62 35.45 -15.66
N GLY A 281 19.39 35.70 -15.20
CA GLY A 281 19.19 36.13 -13.84
C GLY A 281 19.54 35.08 -12.81
N LEU A 282 19.30 33.82 -13.12
CA LEU A 282 19.59 32.72 -12.20
C LEU A 282 20.97 32.12 -12.41
N ASP A 283 21.77 32.69 -13.31
CA ASP A 283 23.15 32.23 -13.55
C ASP A 283 23.21 30.75 -13.91
N LEU A 284 22.28 30.32 -14.75
CA LEU A 284 22.19 28.92 -15.11
C LEU A 284 23.16 28.60 -16.24
N PRO A 285 24.06 27.63 -16.08
CA PRO A 285 24.93 27.23 -17.17
C PRO A 285 24.13 26.63 -18.32
N VAL A 286 24.62 26.85 -19.53
CA VAL A 286 23.96 26.42 -20.75
C VAL A 286 24.93 25.55 -21.55
N VAL A 287 24.37 24.76 -22.47
CA VAL A 287 25.17 23.89 -23.33
C VAL A 287 24.94 24.30 -24.78
N ASN A 288 25.93 24.95 -25.38
CA ASN A 288 25.83 25.41 -26.75
C ASN A 288 25.95 24.22 -27.70
N PRO A 289 24.93 23.96 -28.53
CA PRO A 289 25.02 22.81 -29.45
C PRO A 289 25.79 23.09 -30.72
N ARG A 290 26.13 24.35 -31.01
CA ARG A 290 26.82 24.67 -32.25
C ARG A 290 28.25 24.14 -32.25
N ASN A 291 28.82 23.90 -31.07
CA ASN A 291 30.19 23.42 -30.97
C ASN A 291 30.29 21.90 -30.83
N ILE A 292 29.16 21.20 -30.75
CA ILE A 292 29.18 19.75 -30.55
C ILE A 292 28.37 19.05 -31.62
N LYS A 293 28.28 19.66 -32.81
CA LYS A 293 27.57 19.03 -33.92
C LYS A 293 28.40 17.91 -34.53
N ILE A 294 28.62 16.84 -33.78
CA ILE A 294 29.41 15.70 -34.25
C ILE A 294 28.61 14.42 -34.06
N GLU A 295 27.28 14.56 -33.99
CA GLU A 295 26.41 13.40 -33.81
C GLU A 295 26.21 12.67 -35.13
N LEU A 296 27.28 12.08 -35.67
CA LEU A 296 27.21 11.34 -36.93
C LEU A 296 26.82 9.88 -36.65
N ASP A 297 25.55 9.70 -36.28
CA ASP A 297 24.95 8.40 -36.03
C ASP A 297 25.51 7.74 -34.78
N GLY A 298 26.51 8.37 -34.16
CA GLY A 298 27.12 7.84 -32.97
C GLY A 298 26.31 8.13 -31.73
N PRO A 299 26.96 7.97 -30.57
CA PRO A 299 26.28 8.24 -29.29
C PRO A 299 25.75 9.67 -29.24
N PRO A 300 24.54 9.86 -28.73
CA PRO A 300 23.98 11.21 -28.62
C PRO A 300 24.77 12.05 -27.61
N ILE A 301 24.81 13.35 -27.86
CA ILE A 301 25.52 14.28 -26.98
C ILE A 301 24.53 14.92 -26.01
N PRO A 302 24.71 14.76 -24.70
CA PRO A 302 23.79 15.37 -23.74
C PRO A 302 23.81 16.90 -23.84
N LEU A 303 22.66 17.51 -23.60
CA LEU A 303 22.51 18.95 -23.63
C LEU A 303 22.21 19.54 -22.25
N ILE A 304 22.39 18.78 -21.18
CA ILE A 304 22.11 19.25 -19.83
C ILE A 304 23.34 18.99 -18.96
N VAL A 305 23.45 19.76 -17.88
CA VAL A 305 24.56 19.63 -16.96
C VAL A 305 24.24 18.62 -15.87
N SER A 323 22.70 6.64 14.39
CA SER A 323 23.06 5.46 15.15
C SER A 323 22.58 5.57 16.59
N SER A 324 21.54 6.37 16.80
CA SER A 324 21.00 6.58 18.14
C SER A 324 19.78 5.69 18.36
N VAL A 325 19.33 5.64 19.60
CA VAL A 325 18.20 4.83 20.01
C VAL A 325 17.05 5.76 20.38
N ILE A 326 15.82 5.32 20.09
CA ILE A 326 14.64 6.17 20.29
C ILE A 326 14.53 6.56 21.75
N PRO A 327 14.28 7.83 22.06
CA PRO A 327 14.22 8.25 23.47
C PRO A 327 13.14 7.52 24.26
N TRP A 328 13.47 7.26 25.53
CA TRP A 328 12.52 6.68 26.48
C TRP A 328 12.95 7.10 27.88
N ALA A 329 11.96 7.29 28.74
CA ALA A 329 12.21 7.69 30.12
C ALA A 329 11.06 7.19 30.98
N PRO A 330 11.28 7.00 32.28
CA PRO A 330 10.19 6.58 33.17
C PRO A 330 9.13 7.66 33.26
N PRO A 331 7.93 7.32 33.75
CA PRO A 331 6.85 8.33 33.82
C PRO A 331 7.25 9.52 34.65
N GLN A 332 6.83 10.71 34.20
CA GLN A 332 7.16 11.97 34.84
C GLN A 332 5.89 12.76 35.05
N ALA A 333 5.92 13.66 36.03
CA ALA A 333 4.78 14.54 36.28
C ALA A 333 4.69 15.61 35.21
N ASN A 334 3.46 16.10 35.00
CA ASN A 334 3.19 17.18 34.06
C ASN A 334 3.60 16.81 32.63
N TRP A 335 3.51 15.53 32.31
CA TRP A 335 3.89 15.03 31.00
C TRP A 335 2.74 14.23 30.40
N ASN A 336 2.35 14.58 29.19
CA ASN A 336 1.36 13.82 28.43
C ASN A 336 2.11 12.81 27.57
N THR A 337 1.98 11.53 27.92
CA THR A 337 2.69 10.48 27.18
C THR A 337 2.20 10.39 25.74
N TRP A 338 0.88 10.47 25.54
CA TRP A 338 0.33 10.25 24.21
C TRP A 338 0.64 11.39 23.27
N HIS A 339 0.49 12.63 23.73
CA HIS A 339 0.82 13.78 22.90
C HIS A 339 2.29 14.13 22.91
N ALA A 340 3.08 13.52 23.81
CA ALA A 340 4.52 13.74 23.90
C ALA A 340 4.84 15.23 24.10
N CYS A 341 4.02 15.89 24.91
CA CYS A 341 4.17 17.32 25.17
C CYS A 341 4.03 17.58 26.66
N ASN A 342 4.73 18.61 27.13
CA ASN A 342 4.57 19.07 28.50
C ASN A 342 3.20 19.68 28.67
N ILE A 343 2.46 19.13 29.63
CA ILE A 343 1.07 19.60 29.86
C ILE A 343 1.18 21.09 30.20
N ASP A 344 2.04 21.44 31.16
CA ASP A 344 2.25 22.85 31.52
C ASP A 344 0.88 23.53 31.51
N GLU A 345 -0.12 22.87 32.06
CA GLU A 345 -1.49 23.42 31.97
C GLU A 345 -2.27 23.06 33.23
N GLY A 346 -3.03 24.01 33.75
CA GLY A 346 -3.87 23.73 34.91
C GLY A 346 -5.27 23.36 34.46
N LEU A 348 -5.93 21.86 35.98
CA LEU A 348 -5.57 21.54 37.35
C LEU A 348 -4.84 20.20 37.45
N ALA A 349 -4.51 19.62 36.30
CA ALA A 349 -3.87 18.31 36.22
C ALA A 349 -2.40 18.32 36.63
N THR A 350 -1.90 19.40 37.24
CA THR A 350 -0.51 19.49 37.68
C THR A 350 -0.31 18.88 39.07
N THR A 351 -1.18 17.97 39.48
CA THR A 351 -1.06 17.33 40.79
C THR A 351 0.09 16.33 40.77
N SER A 352 0.34 15.70 41.91
CA SER A 352 1.41 14.73 42.05
C SER A 352 1.05 13.42 41.37
N ILE A 353 2.07 12.76 40.81
CA ILE A 353 1.86 11.46 40.17
C ILE A 353 1.45 10.41 41.20
N ASP A 354 2.01 10.48 42.41
CA ASP A 354 1.56 9.60 43.48
C ASP A 354 0.11 9.86 43.86
N ASP A 355 -0.29 11.14 43.89
CA ASP A 355 -1.68 11.46 44.18
C ASP A 355 -2.61 10.92 43.09
N LEU A 356 -2.19 11.02 41.83
CA LEU A 356 -2.98 10.45 40.75
C LEU A 356 -3.08 8.93 40.89
N SER A 357 -1.98 8.28 41.27
CA SER A 357 -1.99 6.84 41.48
C SER A 357 -2.96 6.46 42.60
N MET A 358 -2.93 7.21 43.71
CA MET A 358 -3.83 6.94 44.82
C MET A 358 -5.28 7.13 44.41
N ASP A 359 -5.56 8.19 43.63
CA ASP A 359 -6.92 8.41 43.15
C ASP A 359 -7.37 7.27 42.25
N TYR A 360 -6.50 6.81 41.35
CA TYR A 360 -6.86 5.67 40.50
C TYR A 360 -7.16 4.44 41.34
N GLU A 361 -6.32 4.16 42.34
CA GLU A 361 -6.53 2.99 43.18
C GLU A 361 -7.85 3.07 43.92
N ARG A 362 -8.15 4.23 44.51
CA ARG A 362 -9.40 4.41 45.23
C ARG A 362 -10.61 4.25 44.30
N SER A 363 -10.53 4.85 43.10
CA SER A 363 -11.65 4.76 42.18
C SER A 363 -11.90 3.33 41.72
N LEU A 364 -10.82 2.59 41.41
CA LEU A 364 -11.00 1.21 40.98
C LEU A 364 -11.50 0.34 42.13
N ARG A 365 -11.03 0.59 43.36
CA ARG A 365 -11.54 -0.15 44.50
C ARG A 365 -13.03 0.11 44.69
N ASP A 366 -13.45 1.37 44.59
CA ASP A 366 -14.86 1.71 44.76
C ASP A 366 -15.70 1.06 43.66
N ARG A 367 -15.21 1.10 42.41
CA ARG A 367 -15.95 0.48 41.32
C ARG A 367 -16.07 -1.02 41.54
N ARG A 368 -14.96 -1.68 41.87
CA ARG A 368 -14.98 -3.12 42.13
C ARG A 368 -15.89 -3.47 43.29
N GLN A 369 -16.06 -2.58 44.27
CA GLN A 369 -16.91 -2.87 45.41
C GLN A 369 -18.39 -2.58 45.16
N ASN A 370 -18.71 -1.61 44.30
CA ASN A 370 -20.09 -1.16 44.14
C ASN A 370 -20.70 -1.49 42.79
N ASP A 371 -20.02 -1.22 41.69
CA ASP A 371 -20.62 -1.28 40.36
C ASP A 371 -21.00 -2.71 40.03
N ASN A 372 -22.31 -2.96 39.89
CA ASN A 372 -22.77 -4.29 39.53
C ASN A 372 -22.32 -4.68 38.13
N GLU A 373 -22.34 -3.72 37.20
CA GLU A 373 -21.87 -3.99 35.84
C GLU A 373 -20.39 -4.34 35.83
N TYR A 374 -19.58 -3.59 36.60
CA TYR A 374 -18.17 -3.91 36.69
C TYR A 374 -17.94 -5.28 37.33
N ARG A 375 -18.72 -5.62 38.34
CA ARG A 375 -18.63 -6.94 38.95
C ARG A 375 -18.93 -8.03 37.93
N GLN A 376 -20.01 -7.86 37.15
CA GLN A 376 -20.37 -8.85 36.14
C GLN A 376 -19.29 -8.97 35.07
N PHE A 377 -18.71 -7.84 34.66
CA PHE A 377 -17.68 -7.90 33.63
C PHE A 377 -16.41 -8.55 34.14
N LEU A 378 -16.02 -8.28 35.39
CA LEU A 378 -14.88 -8.98 35.97
C LEU A 378 -15.16 -10.47 36.12
N GLU A 379 -16.40 -10.83 36.45
CA GLU A 379 -16.76 -12.24 36.52
C GLU A 379 -16.62 -12.92 35.17
N PHE A 380 -17.04 -12.25 34.10
CA PHE A 380 -16.84 -12.80 32.76
C PHE A 380 -15.35 -12.90 32.43
N ARG A 381 -14.58 -11.86 32.76
CA ARG A 381 -13.16 -11.84 32.45
C ARG A 381 -12.42 -12.96 33.16
N GLU A 382 -12.83 -13.29 34.39
CA GLU A 382 -12.21 -14.38 35.14
C GLU A 382 -12.47 -15.74 34.52
N LYS A 383 -13.40 -15.84 33.57
CA LYS A 383 -13.72 -17.10 32.92
C LYS A 383 -13.01 -17.28 31.59
N LEU A 384 -12.12 -16.36 31.21
CA LEU A 384 -11.38 -16.53 29.96
C LEU A 384 -10.16 -17.42 30.18
N PRO A 385 -9.75 -18.18 29.17
CA PRO A 385 -8.59 -19.07 29.33
C PRO A 385 -7.31 -18.33 29.70
N ILE A 386 -7.12 -17.09 29.24
CA ILE A 386 -5.93 -16.33 29.63
C ILE A 386 -5.95 -15.95 31.10
N ALA A 387 -7.14 -15.88 31.72
CA ALA A 387 -7.23 -15.58 33.14
C ALA A 387 -6.59 -16.66 33.99
N ALA A 388 -6.58 -17.90 33.51
CA ALA A 388 -5.94 -18.98 34.25
C ALA A 388 -4.44 -18.75 34.37
N MET A 389 -3.82 -18.26 33.30
CA MET A 389 -2.38 -18.03 33.27
C MET A 389 -2.03 -16.58 33.56
N ARG A 390 -3.01 -15.77 33.97
CA ARG A 390 -2.78 -14.37 34.31
C ARG A 390 -1.60 -14.17 35.27
N SER A 391 -1.51 -15.00 36.32
CA SER A 391 -0.48 -14.78 37.32
C SER A 391 0.92 -14.99 36.76
N GLU A 392 1.12 -16.10 36.05
CA GLU A 392 2.42 -16.34 35.43
C GLU A 392 2.71 -15.32 34.34
N ILE A 393 1.68 -14.86 33.64
CA ILE A 393 1.87 -13.82 32.63
C ILE A 393 2.37 -12.54 33.29
N LEU A 394 1.76 -12.14 34.39
CA LEU A 394 2.20 -10.94 35.10
C LEU A 394 3.61 -11.10 35.62
N THR A 395 3.93 -12.26 36.20
CA THR A 395 5.28 -12.47 36.72
C THR A 395 6.33 -12.40 35.61
N ALA A 396 6.06 -13.05 34.47
CA ALA A 396 6.99 -13.02 33.35
C ALA A 396 7.15 -11.62 32.80
N ILE A 397 6.04 -10.88 32.68
CA ILE A 397 6.12 -9.51 32.19
C ILE A 397 6.95 -8.65 33.14
N ASN A 398 6.74 -8.81 34.45
CA ASN A 398 7.47 -8.01 35.42
C ASN A 398 8.95 -8.33 35.41
N ASP A 399 9.31 -9.62 35.26
CA ASP A 399 10.70 -10.01 35.36
C ASP A 399 11.46 -9.78 34.06
N ASN A 400 11.01 -10.43 32.97
CA ASN A 400 11.68 -10.38 31.67
C ASN A 400 11.34 -9.11 30.91
N PRO A 401 12.28 -8.60 30.10
CA PRO A 401 11.96 -7.39 29.31
C PRO A 401 11.08 -7.68 28.11
N VAL A 402 11.32 -8.77 27.39
CA VAL A 402 10.49 -9.18 26.26
C VAL A 402 9.81 -10.49 26.60
N VAL A 403 8.50 -10.55 26.40
CA VAL A 403 7.71 -11.74 26.67
C VAL A 403 6.86 -12.03 25.44
N ILE A 404 6.86 -13.29 25.01
CA ILE A 404 6.04 -13.75 23.90
C ILE A 404 4.88 -14.54 24.49
N ILE A 405 3.66 -14.14 24.16
CA ILE A 405 2.45 -14.81 24.63
C ILE A 405 1.81 -15.47 23.42
N ARG A 406 1.77 -16.80 23.44
CA ARG A 406 1.19 -17.59 22.36
C ARG A 406 -0.04 -18.32 22.89
N GLY A 407 -1.21 -17.92 22.41
CA GLY A 407 -2.44 -18.58 22.80
C GLY A 407 -3.37 -18.65 21.61
N ASN A 408 -4.34 -19.55 21.71
CA ASN A 408 -5.28 -19.73 20.61
C ASN A 408 -6.13 -18.48 20.42
N THR A 409 -6.62 -18.30 19.21
CA THR A 409 -7.42 -17.13 18.87
C THR A 409 -8.62 -17.01 19.81
N GLY A 410 -8.84 -15.82 20.33
CA GLY A 410 -9.93 -15.58 21.25
C GLY A 410 -9.66 -15.91 22.69
N CYS A 411 -8.44 -16.31 23.04
CA CYS A 411 -8.14 -16.65 24.42
C CYS A 411 -8.18 -15.42 25.33
N GLY A 412 -7.91 -14.25 24.78
CA GLY A 412 -8.04 -13.01 25.52
C GLY A 412 -6.77 -12.18 25.59
N LYS A 413 -5.86 -12.36 24.64
CA LYS A 413 -4.58 -11.66 24.70
C LYS A 413 -4.74 -10.15 24.68
N THR A 414 -5.22 -9.59 23.56
CA THR A 414 -5.29 -8.14 23.43
C THR A 414 -6.26 -7.54 24.42
N THR A 415 -7.41 -8.18 24.62
CA THR A 415 -8.41 -7.66 25.54
C THR A 415 -7.91 -7.65 26.99
N GLN A 416 -7.09 -8.63 27.37
CA GLN A 416 -6.82 -8.87 28.79
C GLN A 416 -5.42 -8.53 29.27
N ILE A 417 -4.40 -8.58 28.42
CA ILE A 417 -3.02 -8.43 28.92
C ILE A 417 -2.79 -7.00 29.43
N ALA A 418 -3.19 -6.00 28.65
CA ALA A 418 -3.01 -4.61 29.06
C ALA A 418 -3.83 -4.30 30.30
N GLN A 419 -5.06 -4.81 30.37
CA GLN A 419 -5.87 -4.63 31.57
C GLN A 419 -5.23 -5.26 32.79
N TYR A 420 -4.65 -6.46 32.63
CA TYR A 420 -3.97 -7.11 33.75
C TYR A 420 -2.81 -6.26 34.23
N ILE A 421 -2.00 -5.75 33.30
CA ILE A 421 -0.84 -4.94 33.67
C ILE A 421 -1.30 -3.68 34.40
N LEU A 422 -2.31 -3.01 33.84
CA LEU A 422 -2.78 -1.75 34.42
C LEU A 422 -3.36 -1.98 35.80
N ASP A 423 -4.16 -3.04 35.97
CA ASP A 423 -4.77 -3.32 37.26
C ASP A 423 -3.71 -3.68 38.30
N ASP A 424 -2.71 -4.47 37.91
CA ASP A 424 -1.63 -4.79 38.83
C ASP A 424 -0.90 -3.53 39.29
N TYR A 425 -0.56 -2.65 38.33
CA TYR A 425 0.12 -1.42 38.68
C TYR A 425 -0.73 -0.54 39.59
N ILE A 426 -2.03 -0.42 39.29
CA ILE A 426 -2.88 0.48 40.04
C ILE A 426 -3.12 -0.04 41.45
N CYS A 427 -3.42 -1.33 41.59
CA CYS A 427 -3.59 -1.92 42.91
C CYS A 427 -2.30 -1.93 43.70
N SER A 428 -1.15 -1.92 43.03
CA SER A 428 0.13 -1.79 43.72
C SER A 428 0.36 -0.36 44.24
N GLY A 429 -0.50 0.59 43.90
CA GLY A 429 -0.33 1.96 44.29
C GLY A 429 0.48 2.80 43.34
N GLN A 430 0.96 2.22 42.23
CA GLN A 430 1.75 2.91 41.22
C GLN A 430 0.90 3.19 39.98
N GLY A 431 -0.37 3.54 40.19
CA GLY A 431 -1.32 3.63 39.08
C GLY A 431 -0.90 4.60 38.00
N GLY A 432 -0.29 5.72 38.39
CA GLY A 432 0.17 6.68 37.41
C GLY A 432 1.47 6.33 36.73
N TYR A 433 1.98 5.11 36.97
CA TYR A 433 3.22 4.66 36.37
C TYR A 433 3.00 3.59 35.31
N ALA A 434 1.80 3.49 34.76
CA ALA A 434 1.46 2.46 33.78
C ALA A 434 0.81 3.10 32.56
N ASN A 435 1.60 3.31 31.50
CA ASN A 435 1.07 3.74 30.21
C ASN A 435 1.40 2.66 29.19
N ILE A 436 0.37 2.04 28.64
CA ILE A 436 0.51 0.85 27.81
C ILE A 436 0.11 1.17 26.38
N TYR A 437 0.97 0.80 25.43
CA TYR A 437 0.67 0.87 24.01
C TYR A 437 0.28 -0.51 23.50
N VAL A 438 -0.84 -0.59 22.79
CA VAL A 438 -1.26 -1.83 22.14
C VAL A 438 -1.44 -1.54 20.66
N THR A 439 -0.67 -2.22 19.83
CA THR A 439 -0.66 -1.98 18.39
C THR A 439 -1.40 -3.11 17.68
N GLN A 440 -2.36 -2.73 16.83
CA GLN A 440 -3.11 -3.65 16.00
C GLN A 440 -2.77 -3.44 14.53
N PRO A 441 -2.89 -4.49 13.70
CA PRO A 441 -2.54 -4.31 12.28
C PRO A 441 -3.61 -3.63 11.44
N ARG A 442 -4.85 -3.52 11.93
CA ARG A 442 -5.93 -2.93 11.16
C ARG A 442 -6.65 -1.87 11.97
N ARG A 443 -7.08 -0.82 11.25
CA ARG A 443 -7.82 0.27 11.87
C ARG A 443 -9.08 -0.23 12.55
N ILE A 444 -9.84 -1.06 11.83
CA ILE A 444 -11.07 -1.63 12.36
C ILE A 444 -10.79 -2.40 13.65
N SER A 445 -9.74 -3.21 13.65
CA SER A 445 -9.39 -3.98 14.83
C SER A 445 -9.02 -3.08 16.00
N ALA A 446 -8.21 -2.06 15.75
CA ALA A 446 -7.80 -1.17 16.84
C ALA A 446 -9.00 -0.47 17.45
N ILE A 447 -9.88 0.09 16.61
CA ILE A 447 -11.05 0.79 17.14
C ILE A 447 -11.94 -0.18 17.91
N SER A 448 -12.19 -1.37 17.36
CA SER A 448 -13.11 -2.31 17.99
C SER A 448 -12.57 -2.78 19.34
N VAL A 449 -11.28 -3.10 19.40
CA VAL A 449 -10.73 -3.61 20.66
C VAL A 449 -10.69 -2.51 21.71
N ALA A 450 -10.38 -1.27 21.31
CA ALA A 450 -10.43 -0.18 22.27
C ALA A 450 -11.85 0.00 22.80
N GLU A 451 -12.84 -0.06 21.91
CA GLU A 451 -14.24 -0.01 22.33
C GLU A 451 -14.56 -1.10 23.34
N ARG A 452 -14.16 -2.34 23.04
CA ARG A 452 -14.49 -3.47 23.91
C ARG A 452 -13.83 -3.33 25.28
N VAL A 453 -12.56 -2.95 25.31
CA VAL A 453 -11.85 -2.82 26.58
C VAL A 453 -12.45 -1.72 27.42
N ALA A 454 -12.77 -0.57 26.80
CA ALA A 454 -13.41 0.50 27.54
C ALA A 454 -14.78 0.08 28.05
N ARG A 455 -15.51 -0.70 27.25
CA ARG A 455 -16.83 -1.16 27.66
C ARG A 455 -16.75 -2.06 28.89
N GLU A 456 -15.81 -3.02 28.88
CA GLU A 456 -15.72 -3.95 30.00
C GLU A 456 -15.00 -3.32 31.18
N ARG A 457 -14.36 -2.17 30.98
CA ARG A 457 -13.92 -1.37 32.12
C ARG A 457 -15.03 -0.50 32.66
N CYS A 458 -16.22 -0.59 32.07
CA CYS A 458 -17.40 0.12 32.53
C CYS A 458 -17.16 1.63 32.57
N GLU A 459 -16.83 2.16 31.40
CA GLU A 459 -16.54 3.58 31.25
C GLU A 459 -16.66 3.94 29.78
N GLN A 460 -16.25 5.16 29.45
CA GLN A 460 -16.31 5.66 28.09
C GLN A 460 -14.91 5.77 27.50
N LEU A 461 -14.86 5.80 26.17
CA LEU A 461 -13.60 6.07 25.48
C LEU A 461 -13.06 7.43 25.89
N GLY A 462 -11.74 7.48 26.08
CA GLY A 462 -11.09 8.72 26.46
C GLY A 462 -10.79 8.86 27.94
N ASP A 463 -11.40 8.02 28.79
CA ASP A 463 -11.07 8.06 30.21
C ASP A 463 -9.80 7.28 30.49
N THR A 464 -9.84 5.96 30.31
CA THR A 464 -8.68 5.10 30.52
C THR A 464 -8.26 4.35 29.26
N VAL A 465 -9.18 4.14 28.32
CA VAL A 465 -8.89 3.47 27.07
C VAL A 465 -9.02 4.50 25.95
N GLY A 466 -8.09 4.45 25.00
CA GLY A 466 -8.17 5.28 23.82
C GLY A 466 -7.65 4.55 22.60
N TYR A 467 -8.06 5.05 21.43
CA TYR A 467 -7.57 4.52 20.17
C TYR A 467 -7.04 5.65 19.30
N SER A 468 -6.15 5.30 18.38
CA SER A 468 -5.52 6.29 17.51
C SER A 468 -5.22 5.61 16.18
N VAL A 469 -6.03 5.92 15.16
CA VAL A 469 -5.79 5.45 13.80
C VAL A 469 -5.80 6.67 12.87
N ARG A 470 -5.67 6.40 11.58
CA ARG A 470 -5.72 7.48 10.59
C ARG A 470 -7.09 8.15 10.61
N PHE A 471 -7.09 9.48 10.69
CA PHE A 471 -8.29 10.32 10.66
C PHE A 471 -9.20 10.07 11.87
N GLU A 472 -8.70 9.45 12.93
CA GLU A 472 -9.56 9.10 14.06
C GLU A 472 -8.68 8.89 15.29
N SER A 473 -8.90 9.69 16.32
CA SER A 473 -8.14 9.57 17.57
C SER A 473 -9.00 10.02 18.74
N VAL A 474 -9.11 9.16 19.75
CA VAL A 474 -9.78 9.49 21.00
C VAL A 474 -8.77 9.22 22.11
N PHE A 475 -8.02 10.23 22.50
CA PHE A 475 -6.89 10.06 23.39
C PHE A 475 -7.35 9.78 24.82
N PRO A 476 -6.57 9.00 25.58
CA PRO A 476 -6.93 8.71 26.97
C PRO A 476 -6.36 9.73 27.94
N ARG A 477 -6.59 9.51 29.23
CA ARG A 477 -5.96 10.35 30.24
C ARG A 477 -4.44 10.14 30.22
N PRO A 478 -3.67 11.16 30.61
CA PRO A 478 -2.21 11.07 30.45
C PRO A 478 -1.53 10.02 31.30
N TYR A 479 -2.19 9.48 32.32
CA TYR A 479 -1.56 8.54 33.23
C TYR A 479 -2.48 7.36 33.51
N GLY A 480 -1.89 6.18 33.64
CA GLY A 480 -2.65 4.99 33.96
C GLY A 480 -3.66 4.61 32.90
N ALA A 481 -3.25 4.61 31.63
CA ALA A 481 -4.18 4.41 30.52
C ALA A 481 -3.56 3.50 29.47
N ILE A 482 -4.40 3.05 28.54
CA ILE A 482 -4.00 2.22 27.43
C ILE A 482 -4.42 2.90 26.13
N LEU A 483 -3.52 2.94 25.16
CA LEU A 483 -3.80 3.46 23.83
C LEU A 483 -3.72 2.32 22.82
N PHE A 484 -4.79 2.10 22.07
CA PHE A 484 -4.88 1.06 21.06
C PHE A 484 -4.72 1.70 19.69
N CYS A 485 -3.51 1.68 19.15
CA CYS A 485 -3.18 2.31 17.89
C CYS A 485 -2.85 1.24 16.84
N THR A 486 -2.63 1.69 15.61
CA THR A 486 -2.10 0.82 14.57
C THR A 486 -0.57 0.89 14.59
N VAL A 487 0.06 -0.01 13.84
CA VAL A 487 1.52 -0.01 13.78
C VAL A 487 2.04 1.27 13.16
N GLY A 488 1.39 1.73 12.08
CA GLY A 488 1.82 2.96 11.45
C GLY A 488 1.66 4.19 12.34
N VAL A 489 0.59 4.22 13.14
CA VAL A 489 0.40 5.33 14.08
C VAL A 489 1.53 5.36 15.10
N LEU A 490 1.90 4.19 15.64
CA LEU A 490 3.02 4.16 16.57
C LEU A 490 4.32 4.53 15.90
N LEU A 491 4.50 4.11 14.65
CA LEU A 491 5.73 4.45 13.92
C LEU A 491 5.84 5.96 13.73
N ARG A 492 4.72 6.62 13.44
CA ARG A 492 4.72 8.08 13.36
C ARG A 492 4.96 8.71 14.73
N LYS A 493 4.37 8.14 15.78
CA LYS A 493 4.55 8.69 17.12
C LYS A 493 6.00 8.59 17.60
N LEU A 494 6.74 7.61 17.08
CA LEU A 494 8.12 7.40 17.53
C LEU A 494 9.03 8.57 17.24
N GLU A 495 8.63 9.49 16.35
CA GLU A 495 9.49 10.65 16.05
C GLU A 495 9.64 11.55 17.27
N ALA A 496 8.60 11.65 18.09
CA ALA A 496 8.66 12.44 19.32
C ALA A 496 9.15 11.61 20.51
N GLY A 497 9.51 10.36 20.31
CA GLY A 497 9.96 9.50 21.37
C GLY A 497 8.82 8.75 22.03
N LEU A 498 9.18 8.00 23.07
CA LEU A 498 8.23 7.20 23.83
C LEU A 498 8.41 7.44 25.34
N ARG A 499 8.64 8.70 25.72
CA ARG A 499 8.77 9.03 27.12
C ARG A 499 7.46 8.77 27.86
N GLY A 500 7.56 8.17 29.03
CA GLY A 500 6.39 7.86 29.83
C GLY A 500 5.65 6.60 29.45
N VAL A 501 6.17 5.83 28.51
CA VAL A 501 5.53 4.58 28.11
C VAL A 501 6.14 3.46 28.93
N SER A 502 5.30 2.78 29.71
CA SER A 502 5.76 1.71 30.59
C SER A 502 5.77 0.34 29.89
N HIS A 503 4.73 0.06 29.10
CA HIS A 503 4.61 -1.22 28.41
C HIS A 503 4.20 -0.98 26.96
N ILE A 504 4.86 -1.68 26.05
CA ILE A 504 4.47 -1.71 24.64
C ILE A 504 4.06 -3.13 24.30
N ILE A 505 2.81 -3.31 23.90
CA ILE A 505 2.26 -4.63 23.64
C ILE A 505 1.88 -4.70 22.17
N VAL A 506 2.42 -5.69 21.47
CA VAL A 506 2.26 -5.83 20.02
C VAL A 506 1.44 -7.08 19.75
N ASP A 507 0.37 -6.94 18.97
CA ASP A 507 -0.55 -8.02 18.68
C ASP A 507 -0.40 -8.46 17.24
N GLU A 508 -0.57 -9.76 17.01
CA GLU A 508 -0.54 -10.37 15.68
C GLU A 508 0.76 -10.02 14.95
N ILE A 509 1.88 -10.43 15.57
CA ILE A 509 3.18 -10.30 14.94
C ILE A 509 3.36 -11.27 13.78
N HIS A 510 2.39 -12.16 13.56
CA HIS A 510 2.48 -13.15 12.49
C HIS A 510 2.30 -12.53 11.11
N GLU A 511 1.68 -11.36 11.02
CA GLU A 511 1.35 -10.78 9.72
C GLU A 511 2.58 -10.53 8.88
N ARG A 512 3.74 -10.36 9.52
CA ARG A 512 5.02 -10.16 8.84
C ARG A 512 4.97 -8.97 7.88
N ASP A 513 4.12 -7.99 8.17
CA ASP A 513 4.05 -6.83 7.30
C ASP A 513 5.29 -5.95 7.51
N VAL A 514 5.46 -5.01 6.59
CA VAL A 514 6.65 -4.18 6.58
C VAL A 514 6.72 -3.33 7.84
N ASN A 515 5.59 -2.72 8.22
CA ASN A 515 5.54 -1.90 9.42
C ASN A 515 5.77 -2.74 10.67
N SER A 516 5.21 -3.95 10.72
CA SER A 516 5.40 -4.81 11.89
C SER A 516 6.86 -5.20 12.04
N ASP A 517 7.53 -5.55 10.95
CA ASP A 517 8.96 -5.87 11.04
C ASP A 517 9.77 -4.66 11.47
N PHE A 518 9.46 -3.49 10.92
CA PHE A 518 10.11 -2.24 11.34
C PHE A 518 9.98 -2.03 12.84
N LEU A 519 8.76 -2.16 13.34
CA LEU A 519 8.50 -1.97 14.77
C LEU A 519 9.22 -3.01 15.60
N LEU A 520 9.29 -4.25 15.11
CA LEU A 520 9.99 -5.30 15.85
C LEU A 520 11.46 -4.96 16.01
N VAL A 521 12.10 -4.47 14.95
CA VAL A 521 13.51 -4.07 15.06
C VAL A 521 13.67 -2.92 16.05
N ILE A 522 12.81 -1.90 15.91
CA ILE A 522 12.91 -0.74 16.80
C ILE A 522 12.74 -1.17 18.25
N LEU A 523 11.78 -2.05 18.51
CA LEU A 523 11.51 -2.50 19.87
C LEU A 523 12.65 -3.32 20.42
N ARG A 524 13.32 -4.11 19.57
CA ARG A 524 14.46 -4.88 20.03
C ARG A 524 15.58 -3.96 20.50
N ASP A 525 15.91 -2.93 19.70
CA ASP A 525 16.93 -1.99 20.15
C ASP A 525 16.49 -1.23 21.40
N MET A 526 15.21 -0.86 21.48
CA MET A 526 14.74 -0.12 22.65
C MET A 526 14.80 -0.95 23.92
N VAL A 527 14.45 -2.24 23.84
CA VAL A 527 14.57 -3.12 24.98
C VAL A 527 16.04 -3.32 25.36
N ASP A 528 16.92 -3.45 24.36
CA ASP A 528 18.34 -3.57 24.66
C ASP A 528 18.86 -2.35 25.40
N THR A 529 18.41 -1.16 25.03
CA THR A 529 18.90 0.06 25.67
C THR A 529 18.27 0.28 27.04
N TYR A 530 16.95 0.32 27.10
CA TYR A 530 16.24 0.62 28.35
C TYR A 530 15.72 -0.67 28.96
N PRO A 531 16.16 -1.04 30.17
CA PRO A 531 15.69 -2.28 30.78
C PRO A 531 14.32 -2.18 31.44
N ASP A 532 13.93 -0.99 31.91
CA ASP A 532 12.64 -0.83 32.57
C ASP A 532 11.48 -0.86 31.59
N LEU A 533 11.72 -0.64 30.31
CA LEU A 533 10.67 -0.75 29.31
C LEU A 533 10.35 -2.21 29.02
N HIS A 534 9.07 -2.53 29.05
CA HIS A 534 8.59 -3.90 28.86
C HIS A 534 7.88 -4.01 27.51
N VAL A 535 8.24 -5.02 26.73
CA VAL A 535 7.67 -5.26 25.42
C VAL A 535 7.02 -6.63 25.41
N ILE A 536 5.76 -6.69 24.98
CA ILE A 536 4.99 -7.93 24.92
C ILE A 536 4.57 -8.16 23.48
N LEU A 537 4.83 -9.36 22.96
CA LEU A 537 4.40 -9.78 21.64
C LEU A 537 3.40 -10.91 21.81
N MET A 538 2.14 -10.67 21.46
CA MET A 538 1.12 -11.70 21.53
C MET A 538 0.68 -12.06 20.12
N SER A 539 0.54 -13.36 19.86
CA SER A 539 -0.04 -13.83 18.61
C SER A 539 -0.42 -15.29 18.80
N ALA A 540 -1.32 -15.76 17.92
CA ALA A 540 -1.80 -17.12 17.97
C ALA A 540 -1.05 -18.06 17.06
N THR A 541 -0.47 -17.56 15.97
CA THR A 541 0.17 -18.37 14.94
C THR A 541 1.55 -17.80 14.64
N ILE A 542 2.55 -18.15 15.46
CA ILE A 542 3.92 -17.71 15.21
C ILE A 542 4.90 -18.83 15.54
N ASP A 543 6.04 -18.79 14.84
CA ASP A 543 7.17 -19.64 15.19
C ASP A 543 7.83 -19.03 16.41
N THR A 544 7.38 -19.48 17.57
CA THR A 544 7.87 -18.93 18.83
C THR A 544 9.37 -19.12 18.96
N THR A 545 9.89 -20.23 18.46
CA THR A 545 11.33 -20.45 18.48
C THR A 545 12.06 -19.38 17.68
N LYS A 546 11.57 -19.08 16.47
CA LYS A 546 12.21 -18.08 15.64
C LYS A 546 12.15 -16.70 16.29
N PHE A 547 11.00 -16.34 16.83
CA PHE A 547 10.87 -15.01 17.42
C PHE A 547 11.69 -14.88 18.70
N SER A 548 11.73 -15.93 19.52
CA SER A 548 12.54 -15.89 20.73
C SER A 548 14.03 -15.84 20.40
N LYS A 549 14.45 -16.57 19.37
CA LYS A 549 15.83 -16.47 18.93
C LYS A 549 16.14 -15.08 18.41
N TYR A 550 15.16 -14.45 17.76
CA TYR A 550 15.33 -13.07 17.31
C TYR A 550 15.54 -12.13 18.50
N PHE A 551 14.78 -12.34 19.58
CA PHE A 551 14.86 -11.45 20.74
C PHE A 551 15.86 -11.93 21.79
N GLY A 552 16.91 -12.62 21.37
CA GLY A 552 17.96 -13.03 22.29
C GLY A 552 17.50 -14.00 23.36
N ILE A 553 16.66 -14.97 22.99
CA ILE A 553 16.07 -15.96 23.89
C ILE A 553 15.20 -15.24 24.92
N CYS A 554 13.90 -15.36 24.76
CA CYS A 554 12.95 -14.75 25.68
C CYS A 554 11.92 -15.79 26.09
N PRO A 555 11.32 -15.63 27.27
CA PRO A 555 10.27 -16.56 27.68
C PRO A 555 9.11 -16.56 26.70
N VAL A 556 8.57 -17.75 26.44
CA VAL A 556 7.37 -17.93 25.65
C VAL A 556 6.31 -18.54 26.55
N LEU A 557 5.25 -17.79 26.82
CA LEU A 557 4.17 -18.25 27.69
C LEU A 557 3.04 -18.76 26.81
N GLU A 558 2.79 -20.07 26.87
CA GLU A 558 1.79 -20.71 26.04
C GLU A 558 0.48 -20.81 26.81
N VAL A 559 -0.51 -20.03 26.39
CA VAL A 559 -1.83 -20.04 27.00
C VAL A 559 -2.59 -21.24 26.44
N PRO A 560 -3.04 -22.18 27.27
CA PRO A 560 -3.78 -23.32 26.75
C PRO A 560 -5.30 -23.14 26.67
N GLY A 561 -5.95 -24.21 26.24
CA GLY A 561 -7.38 -24.19 26.06
C GLY A 561 -7.81 -23.19 25.01
N ARG A 562 -9.12 -23.05 24.88
CA ARG A 562 -9.72 -22.09 23.96
C ARG A 562 -11.14 -21.81 24.43
N ALA A 563 -11.65 -20.64 24.03
CA ALA A 563 -12.95 -20.19 24.54
C ALA A 563 -14.06 -21.16 24.14
N PHE A 564 -14.16 -21.46 22.85
CA PHE A 564 -15.20 -22.34 22.33
C PHE A 564 -14.63 -23.17 21.20
N PRO A 565 -15.14 -24.36 20.97
CA PRO A 565 -14.65 -25.17 19.86
C PRO A 565 -15.12 -24.64 18.51
N VAL A 566 -14.31 -24.89 17.49
CA VAL A 566 -14.67 -24.59 16.11
C VAL A 566 -14.48 -25.85 15.28
N GLN A 567 -15.50 -26.20 14.50
CA GLN A 567 -15.48 -27.40 13.68
C GLN A 567 -15.11 -27.03 12.24
N GLN A 568 -14.07 -27.65 11.71
CA GLN A 568 -13.55 -27.32 10.39
C GLN A 568 -13.88 -28.41 9.38
N PHE A 569 -14.39 -27.99 8.22
CA PHE A 569 -14.65 -28.87 7.09
C PHE A 569 -13.85 -28.41 5.89
N PHE A 570 -13.57 -29.35 4.99
CA PHE A 570 -12.79 -29.06 3.79
C PHE A 570 -13.67 -29.26 2.55
N LEU A 571 -13.06 -29.12 1.37
CA LEU A 571 -13.84 -29.09 0.14
C LEU A 571 -14.56 -30.42 -0.10
N GLU A 572 -13.87 -31.54 0.13
CA GLU A 572 -14.50 -32.84 -0.06
C GLU A 572 -15.64 -33.03 0.93
N ASP A 573 -15.45 -32.61 2.19
CA ASP A 573 -16.52 -32.69 3.17
C ASP A 573 -17.72 -31.85 2.75
N ILE A 574 -17.46 -30.64 2.23
CA ILE A 574 -18.54 -29.76 1.81
C ILE A 574 -19.31 -30.38 0.66
N ILE A 575 -18.60 -30.92 -0.33
CA ILE A 575 -19.25 -31.56 -1.46
C ILE A 575 -20.09 -32.75 -0.97
N GLN A 576 -19.54 -33.55 -0.06
CA GLN A 576 -20.27 -34.69 0.47
C GLN A 576 -21.53 -34.25 1.21
N MET A 577 -21.44 -33.20 2.02
CA MET A 577 -22.58 -32.82 2.86
C MET A 577 -23.66 -32.10 2.06
N THR A 578 -23.30 -31.37 1.01
CA THR A 578 -24.30 -30.66 0.23
C THR A 578 -24.69 -31.37 -1.06
N ASP A 579 -24.11 -32.54 -1.34
CA ASP A 579 -24.39 -33.30 -2.56
C ASP A 579 -24.14 -32.45 -3.80
N PHE A 580 -23.06 -31.69 -3.77
CA PHE A 580 -22.77 -30.75 -4.86
C PHE A 580 -22.35 -31.48 -6.12
N VAL A 581 -22.67 -30.88 -7.27
CA VAL A 581 -22.18 -31.34 -8.56
C VAL A 581 -22.01 -30.10 -9.43
N PRO A 582 -20.84 -29.87 -10.02
CA PRO A 582 -20.67 -28.69 -10.87
C PRO A 582 -21.57 -28.75 -12.09
N SER A 583 -21.98 -27.57 -12.55
CA SER A 583 -22.87 -27.44 -13.70
C SER A 583 -22.14 -27.77 -15.00
N ALA A 584 -22.90 -28.06 -16.05
CA ALA A 584 -22.35 -28.44 -17.35
C ALA A 584 -21.68 -27.26 -18.05
N GLU A 585 -22.21 -26.05 -17.90
CA GLU A 585 -21.66 -24.88 -18.58
C GLU A 585 -20.28 -24.53 -18.06
N SER A 586 -19.95 -24.99 -16.85
CA SER A 586 -18.63 -24.76 -16.29
C SER A 586 -17.56 -25.45 -17.14
N ARG A 587 -17.82 -26.70 -17.54
CA ARG A 587 -16.90 -27.39 -18.43
C ARG A 587 -17.02 -26.91 -19.86
N ARG A 588 -18.21 -26.43 -20.26
CA ARG A 588 -18.39 -25.96 -21.63
C ARG A 588 -17.50 -24.76 -21.93
N LYS A 589 -17.36 -23.84 -20.96
CA LYS A 589 -16.47 -22.71 -21.15
C LYS A 589 -15.03 -23.16 -21.32
N ARG A 590 -14.58 -24.16 -20.54
CA ARG A 590 -13.23 -24.68 -20.67
C ARG A 590 -13.12 -25.75 -21.75
N LYS A 591 -14.24 -26.18 -22.35
CA LYS A 591 -14.18 -27.19 -23.40
C LYS A 591 -13.50 -26.67 -24.65
N GLU A 592 -13.44 -25.35 -24.82
CA GLU A 592 -12.80 -24.79 -26.01
C GLU A 592 -11.29 -24.73 -25.87
N VAL A 593 -10.76 -24.97 -24.66
CA VAL A 593 -9.33 -24.82 -24.41
C VAL A 593 -8.71 -26.16 -24.04
N GLU A 594 -9.17 -26.75 -22.93
CA GLU A 594 -8.55 -27.93 -22.34
C GLU A 594 -7.06 -27.72 -22.12
N ALA A 607 3.06 -30.64 -15.41
CA ALA A 607 2.41 -29.39 -15.07
C ALA A 607 1.09 -29.65 -14.34
N GLU A 608 0.72 -30.92 -14.23
CA GLU A 608 -0.53 -31.31 -13.57
C GLU A 608 -0.24 -31.51 -12.08
N ILE A 609 -0.43 -30.46 -11.30
CA ILE A 609 -0.21 -30.52 -9.85
C ILE A 609 -1.55 -30.26 -9.16
N ASN A 610 -2.63 -30.56 -9.87
CA ASN A 610 -3.97 -30.30 -9.36
C ASN A 610 -4.23 -31.12 -8.11
N TYR A 611 -4.69 -30.46 -7.05
CA TYR A 611 -5.01 -31.11 -5.80
C TYR A 611 -6.49 -31.43 -5.66
N ASN A 612 -7.32 -31.01 -6.60
CA ASN A 612 -8.73 -31.38 -6.58
C ASN A 612 -8.96 -32.79 -7.08
N LYS A 613 -7.95 -33.42 -7.67
CA LYS A 613 -8.02 -34.81 -8.08
C LYS A 613 -7.30 -35.75 -7.12
N VAL A 614 -6.82 -35.23 -6.00
CA VAL A 614 -6.19 -36.02 -4.94
C VAL A 614 -7.16 -36.10 -3.78
N CYS A 615 -7.52 -37.32 -3.39
CA CYS A 615 -8.52 -37.50 -2.36
C CYS A 615 -8.37 -38.88 -1.74
N GLU A 616 -8.93 -39.04 -0.55
CA GLU A 616 -8.91 -40.31 0.16
C GLU A 616 -10.02 -41.22 -0.34
N ASP A 617 -9.90 -42.50 0.02
CA ASP A 617 -10.87 -43.50 -0.41
C ASP A 617 -12.16 -43.47 0.39
N LYS A 618 -12.19 -42.79 1.55
CA LYS A 618 -13.40 -42.75 2.35
C LYS A 618 -14.51 -41.97 1.65
N TYR A 619 -14.16 -40.89 0.96
CA TYR A 619 -15.16 -40.08 0.27
C TYR A 619 -15.74 -40.85 -0.92
N SER A 620 -16.98 -40.52 -1.26
CA SER A 620 -17.72 -41.26 -2.26
C SER A 620 -17.17 -41.00 -3.65
N GLN A 621 -17.53 -41.91 -4.57
CA GLN A 621 -17.11 -41.78 -5.97
C GLN A 621 -17.68 -40.52 -6.59
N LYS A 622 -18.95 -40.21 -6.32
CA LYS A 622 -19.54 -38.98 -6.84
C LYS A 622 -18.87 -37.75 -6.26
N THR A 623 -18.52 -37.78 -4.98
CA THR A 623 -17.77 -36.69 -4.38
C THR A 623 -16.43 -36.50 -5.06
N ARG A 624 -15.72 -37.59 -5.32
CA ARG A 624 -14.44 -37.48 -6.01
C ARG A 624 -14.61 -36.95 -7.42
N ASN A 625 -15.67 -37.36 -8.11
CA ASN A 625 -15.91 -36.88 -9.47
C ASN A 625 -16.19 -35.39 -9.47
N ALA A 626 -17.03 -34.90 -8.55
CA ALA A 626 -17.28 -33.47 -8.46
C ALA A 626 -16.01 -32.72 -8.09
N MET A 627 -15.22 -33.29 -7.18
CA MET A 627 -13.94 -32.71 -6.79
C MET A 627 -13.04 -32.51 -8.01
N ALA A 628 -12.93 -33.54 -8.85
CA ALA A 628 -12.09 -33.42 -10.05
C ALA A 628 -12.69 -32.43 -11.04
N MET A 629 -14.02 -32.42 -11.17
CA MET A 629 -14.67 -31.50 -12.09
C MET A 629 -14.50 -30.04 -11.70
N LEU A 630 -14.35 -29.75 -10.40
CA LEU A 630 -14.15 -28.38 -9.96
C LEU A 630 -12.73 -27.92 -10.26
N SER A 631 -12.51 -26.62 -10.12
CA SER A 631 -11.23 -25.98 -10.41
C SER A 631 -10.61 -25.40 -9.16
N GLU A 632 -9.28 -25.25 -9.17
CA GLU A 632 -8.58 -24.74 -8.00
C GLU A 632 -8.45 -23.21 -8.06
N SER A 633 -8.12 -22.67 -9.22
CA SER A 633 -7.91 -21.24 -9.36
C SER A 633 -9.18 -20.47 -9.68
N ASP A 634 -10.32 -21.15 -9.75
CA ASP A 634 -11.60 -20.52 -10.01
C ASP A 634 -12.48 -20.60 -8.77
N VAL A 635 -13.22 -19.55 -8.50
CA VAL A 635 -14.16 -19.51 -7.38
C VAL A 635 -15.54 -19.84 -7.91
N SER A 636 -16.16 -20.88 -7.36
CA SER A 636 -17.44 -21.38 -7.85
C SER A 636 -18.58 -20.71 -7.08
N PHE A 637 -19.27 -19.78 -7.75
CA PHE A 637 -20.42 -19.15 -7.12
C PHE A 637 -21.54 -20.15 -6.85
N GLU A 638 -21.70 -21.14 -7.72
CA GLU A 638 -22.73 -22.16 -7.49
C GLU A 638 -22.41 -22.99 -6.25
N LEU A 639 -21.14 -23.37 -6.08
CA LEU A 639 -20.74 -24.10 -4.87
C LEU A 639 -20.92 -23.24 -3.64
N LEU A 640 -20.58 -21.95 -3.72
CA LEU A 640 -20.80 -21.05 -2.60
C LEU A 640 -22.27 -20.95 -2.24
N GLU A 641 -23.13 -20.84 -3.26
CA GLU A 641 -24.58 -20.76 -3.02
C GLU A 641 -25.10 -22.05 -2.41
N ALA A 642 -24.60 -23.20 -2.87
CA ALA A 642 -25.02 -24.47 -2.29
C ALA A 642 -24.59 -24.60 -0.84
N LEU A 643 -23.36 -24.18 -0.52
CA LEU A 643 -22.90 -24.21 0.87
C LEU A 643 -23.76 -23.29 1.73
N LEU A 644 -24.09 -22.11 1.22
CA LEU A 644 -24.94 -21.20 1.98
C LEU A 644 -26.34 -21.76 2.17
N MET A 645 -26.88 -22.45 1.15
CA MET A 645 -28.17 -23.09 1.30
C MET A 645 -28.13 -24.20 2.36
N HIS A 646 -27.04 -24.97 2.38
CA HIS A 646 -26.91 -26.00 3.41
C HIS A 646 -26.80 -25.39 4.80
N ILE A 647 -26.08 -24.27 4.92
CA ILE A 647 -25.99 -23.56 6.19
C ILE A 647 -27.37 -23.07 6.63
N LYS A 648 -28.18 -22.59 5.67
CA LYS A 648 -29.56 -22.26 5.98
C LYS A 648 -30.33 -23.49 6.44
N SER A 649 -30.10 -24.62 5.78
CA SER A 649 -30.86 -25.84 6.09
C SER A 649 -30.57 -26.34 7.50
N LYS A 650 -29.32 -26.25 7.94
CA LYS A 650 -29.00 -26.76 9.28
C LYS A 650 -29.67 -25.96 10.39
N ASN A 651 -30.22 -24.78 10.08
CA ASN A 651 -31.07 -24.02 11.00
C ASN A 651 -30.32 -23.67 12.30
N ILE A 652 -29.27 -22.86 12.15
CA ILE A 652 -28.48 -22.40 13.28
C ILE A 652 -28.33 -20.89 13.18
N PRO A 653 -28.69 -20.13 14.21
CA PRO A 653 -28.46 -18.68 14.17
C PRO A 653 -26.99 -18.33 14.21
N GLY A 654 -26.66 -17.21 13.60
CA GLY A 654 -25.29 -16.72 13.58
C GLY A 654 -24.99 -16.04 12.26
N ALA A 655 -24.04 -15.11 12.31
CA ALA A 655 -23.64 -14.39 11.11
C ALA A 655 -22.59 -15.19 10.33
N ILE A 656 -22.66 -15.06 9.00
CA ILE A 656 -21.78 -15.77 8.09
C ILE A 656 -20.71 -14.81 7.61
N LEU A 657 -19.45 -15.19 7.78
CA LEU A 657 -18.31 -14.41 7.32
C LEU A 657 -17.67 -15.14 6.15
N VAL A 658 -17.71 -14.52 4.97
CA VAL A 658 -17.11 -15.09 3.78
C VAL A 658 -15.88 -14.27 3.45
N PHE A 659 -14.73 -14.94 3.35
CA PHE A 659 -13.47 -14.28 3.05
C PHE A 659 -13.21 -14.36 1.55
N LEU A 660 -13.07 -13.21 0.92
CA LEU A 660 -12.83 -13.16 -0.51
C LEU A 660 -11.61 -12.27 -0.78
N PRO A 661 -10.84 -12.61 -1.81
CA PRO A 661 -9.58 -11.87 -2.04
C PRO A 661 -9.75 -10.39 -2.34
N GLY A 662 -10.83 -9.99 -3.02
CA GLY A 662 -10.87 -8.60 -3.44
C GLY A 662 -12.26 -8.09 -3.74
N TRP A 663 -12.29 -6.80 -4.11
CA TRP A 663 -13.54 -6.07 -4.36
C TRP A 663 -14.34 -6.71 -5.48
N ASN A 664 -13.66 -7.09 -6.56
CA ASN A 664 -14.35 -7.67 -7.71
C ASN A 664 -15.15 -8.89 -7.30
N LEU A 665 -14.50 -9.84 -6.63
CA LEU A 665 -15.16 -11.07 -6.22
C LEU A 665 -16.23 -10.79 -5.16
N ILE A 666 -15.94 -9.90 -4.21
CA ILE A 666 -16.90 -9.59 -3.16
C ILE A 666 -18.20 -9.07 -3.76
N PHE A 667 -18.08 -8.07 -4.63
CA PHE A 667 -19.30 -7.46 -5.16
C PHE A 667 -19.95 -8.31 -6.25
N ALA A 668 -19.17 -9.10 -6.99
CA ALA A 668 -19.78 -10.05 -7.91
C ALA A 668 -20.63 -11.07 -7.16
N LEU A 669 -20.11 -11.60 -6.05
CA LEU A 669 -20.91 -12.49 -5.22
C LEU A 669 -22.10 -11.76 -4.60
N MET A 670 -21.93 -10.49 -4.25
CA MET A 670 -23.05 -9.72 -3.71
C MET A 670 -24.20 -9.66 -4.72
N LYS A 671 -23.91 -9.26 -5.96
CA LYS A 671 -24.96 -9.22 -6.96
C LYS A 671 -25.52 -10.61 -7.24
N PHE A 672 -24.65 -11.63 -7.29
CA PHE A 672 -25.12 -12.98 -7.57
C PHE A 672 -26.12 -13.44 -6.53
N LEU A 673 -25.82 -13.19 -5.25
CA LEU A 673 -26.75 -13.56 -4.20
C LEU A 673 -28.01 -12.71 -4.24
N GLN A 674 -27.87 -11.42 -4.59
CA GLN A 674 -29.03 -10.54 -4.59
C GLN A 674 -30.01 -10.86 -5.72
N ASN A 675 -29.51 -11.47 -6.81
CA ASN A 675 -30.44 -11.91 -7.85
C ASN A 675 -31.30 -13.07 -7.38
N THR A 676 -30.74 -13.98 -6.59
CA THR A 676 -31.50 -15.12 -6.11
C THR A 676 -32.60 -14.67 -5.16
N ASN A 677 -33.80 -15.24 -5.35
CA ASN A 677 -34.91 -14.91 -4.46
C ASN A 677 -34.65 -15.40 -3.05
N ILE A 678 -33.87 -16.47 -2.89
CA ILE A 678 -33.58 -17.01 -1.58
C ILE A 678 -32.75 -16.02 -0.75
N PHE A 679 -31.84 -15.29 -1.40
CA PHE A 679 -30.92 -14.41 -0.71
C PHE A 679 -31.15 -12.94 -1.01
N GLY A 680 -31.97 -12.61 -2.00
CA GLY A 680 -32.20 -11.22 -2.31
C GLY A 680 -33.16 -10.50 -1.40
N ASP A 681 -33.91 -11.22 -0.58
CA ASP A 681 -34.91 -10.64 0.30
C ASP A 681 -34.23 -10.12 1.55
N THR A 682 -34.33 -8.81 1.79
CA THR A 682 -33.69 -8.20 2.94
C THR A 682 -34.27 -8.73 4.25
N SER A 683 -35.55 -9.13 4.25
CA SER A 683 -36.19 -9.60 5.46
C SER A 683 -35.59 -10.89 6.00
N GLN A 684 -34.80 -11.60 5.19
CA GLN A 684 -34.17 -12.84 5.60
C GLN A 684 -32.65 -12.77 5.63
N TYR A 685 -32.03 -12.00 4.75
CA TYR A 685 -30.59 -11.85 4.71
C TYR A 685 -30.22 -10.38 4.51
N GLN A 686 -29.02 -10.03 4.96
CA GLN A 686 -28.50 -8.68 4.80
C GLN A 686 -27.02 -8.81 4.47
N ILE A 687 -26.68 -8.66 3.20
CA ILE A 687 -25.32 -8.86 2.72
C ILE A 687 -24.57 -7.55 2.82
N LEU A 688 -23.48 -7.54 3.57
CA LEU A 688 -22.69 -6.35 3.80
C LEU A 688 -21.29 -6.56 3.27
N PRO A 689 -20.73 -5.60 2.54
CA PRO A 689 -19.31 -5.67 2.19
C PRO A 689 -18.43 -5.33 3.37
N CYS A 690 -17.19 -5.78 3.30
CA CYS A 690 -16.19 -5.47 4.33
C CYS A 690 -14.86 -5.28 3.60
N HIS A 691 -14.58 -4.03 3.25
CA HIS A 691 -13.40 -3.65 2.48
C HIS A 691 -12.79 -2.42 3.12
N SER A 692 -11.51 -2.19 2.86
CA SER A 692 -10.90 -0.99 3.39
C SER A 692 -11.36 0.26 2.63
N GLN A 693 -11.96 0.10 1.45
CA GLN A 693 -12.35 1.24 0.63
C GLN A 693 -13.86 1.39 0.52
N ILE A 694 -14.63 0.71 1.36
CA ILE A 694 -16.06 0.98 1.47
C ILE A 694 -16.20 2.13 2.45
N PRO A 695 -17.35 2.82 2.52
CA PRO A 695 -17.47 3.96 3.43
C PRO A 695 -17.19 3.55 4.87
N ARG A 696 -16.52 4.46 5.60
CA ARG A 696 -16.06 4.14 6.96
C ARG A 696 -17.21 3.88 7.90
N ASP A 697 -18.34 4.57 7.74
CA ASP A 697 -19.51 4.27 8.55
C ASP A 697 -20.09 2.90 8.20
N GLU A 698 -20.00 2.48 6.93
CA GLU A 698 -20.42 1.14 6.56
C GLU A 698 -19.47 0.07 7.10
N GLN A 699 -18.20 0.43 7.29
CA GLN A 699 -17.26 -0.51 7.90
C GLN A 699 -17.67 -0.87 9.31
N ARG A 700 -18.35 0.04 10.01
CA ARG A 700 -18.90 -0.25 11.32
C ARG A 700 -20.22 -1.00 11.26
N LYS A 701 -20.85 -1.08 10.08
CA LYS A 701 -22.11 -1.79 9.95
C LYS A 701 -21.95 -3.30 10.12
N VAL A 702 -20.71 -3.80 10.12
CA VAL A 702 -20.49 -5.23 10.30
C VAL A 702 -20.50 -5.60 11.78
N PHE A 703 -20.37 -4.64 12.68
CA PHE A 703 -20.38 -4.89 14.11
C PHE A 703 -21.75 -4.73 14.74
N GLU A 704 -22.55 -3.77 14.26
CA GLU A 704 -23.87 -3.57 14.83
C GLU A 704 -24.78 -4.74 14.48
N PRO A 705 -25.70 -5.10 15.38
CA PRO A 705 -26.56 -6.26 15.13
C PRO A 705 -27.61 -5.98 14.07
N VAL A 706 -28.37 -7.01 13.77
CA VAL A 706 -29.39 -6.96 12.72
C VAL A 706 -30.71 -7.39 13.32
N PRO A 707 -31.83 -6.99 12.73
CA PRO A 707 -33.14 -7.36 13.29
C PRO A 707 -33.35 -8.87 13.31
N GLU A 708 -34.16 -9.31 14.26
CA GLU A 708 -34.43 -10.74 14.42
C GLU A 708 -35.04 -11.30 13.15
N GLY A 709 -34.61 -12.51 12.78
CA GLY A 709 -35.01 -13.13 11.54
C GLY A 709 -34.18 -12.76 10.34
N VAL A 710 -33.12 -11.97 10.52
CA VAL A 710 -32.23 -11.57 9.44
C VAL A 710 -30.84 -12.09 9.76
N THR A 711 -30.25 -12.83 8.81
CA THR A 711 -28.91 -13.36 8.95
C THR A 711 -27.93 -12.41 8.27
N LYS A 712 -26.89 -12.01 8.99
CA LYS A 712 -25.88 -11.12 8.45
C LYS A 712 -24.83 -11.93 7.70
N ILE A 713 -24.60 -11.56 6.44
CA ILE A 713 -23.55 -12.16 5.62
C ILE A 713 -22.52 -11.07 5.33
N ILE A 714 -21.29 -11.32 5.72
CA ILE A 714 -20.20 -10.35 5.58
C ILE A 714 -19.21 -10.95 4.58
N LEU A 715 -19.17 -10.37 3.38
CA LEU A 715 -18.15 -10.73 2.40
C LEU A 715 -16.98 -9.79 2.58
N SER A 716 -15.84 -10.31 3.02
CA SER A 716 -14.77 -9.49 3.56
C SER A 716 -13.44 -9.82 2.90
N THR A 717 -12.55 -8.85 2.95
CA THR A 717 -11.14 -9.06 2.65
C THR A 717 -10.42 -9.48 3.94
N ASN A 718 -9.11 -9.37 3.96
CA ASN A 718 -8.31 -9.77 5.11
C ASN A 718 -8.40 -8.80 6.29
N ILE A 719 -9.22 -7.76 6.22
CA ILE A 719 -9.41 -6.90 7.39
C ILE A 719 -10.07 -7.67 8.52
N ALA A 720 -11.04 -8.52 8.21
CA ALA A 720 -11.75 -9.26 9.23
C ALA A 720 -11.02 -10.52 9.67
N GLU A 721 -9.86 -10.81 9.07
CA GLU A 721 -9.19 -12.09 9.31
C GLU A 721 -8.72 -12.21 10.77
N THR A 722 -8.23 -11.13 11.35
CA THR A 722 -7.61 -11.17 12.68
C THR A 722 -8.24 -10.13 13.59
N SER A 723 -8.09 -10.37 14.90
CA SER A 723 -8.16 -9.34 15.94
C SER A 723 -9.54 -8.78 16.21
N ILE A 724 -10.53 -9.12 15.39
CA ILE A 724 -11.85 -8.53 15.53
C ILE A 724 -12.83 -9.61 15.96
N THR A 725 -13.87 -9.19 16.67
CA THR A 725 -14.88 -10.09 17.21
C THR A 725 -16.24 -9.54 16.86
N ILE A 726 -16.94 -10.21 15.95
CA ILE A 726 -18.35 -9.96 15.70
C ILE A 726 -19.14 -10.90 16.60
N ASP A 727 -20.03 -10.32 17.40
CA ASP A 727 -20.67 -11.06 18.49
C ASP A 727 -21.59 -12.18 18.02
N ASP A 728 -21.92 -12.25 16.73
CA ASP A 728 -22.84 -13.27 16.24
C ASP A 728 -22.26 -14.03 15.06
N ILE A 729 -20.93 -14.08 14.96
CA ILE A 729 -20.28 -14.90 13.94
C ILE A 729 -20.34 -16.36 14.38
N VAL A 730 -20.96 -17.20 13.57
CA VAL A 730 -21.02 -18.63 13.87
C VAL A 730 -20.39 -19.41 12.73
N PHE A 731 -20.50 -18.87 11.51
CA PHE A 731 -20.02 -19.55 10.32
C PHE A 731 -18.96 -18.71 9.62
N VAL A 732 -17.89 -19.36 9.18
CA VAL A 732 -16.81 -18.70 8.45
C VAL A 732 -16.52 -19.53 7.21
N ILE A 733 -16.93 -19.04 6.05
CA ILE A 733 -16.62 -19.65 4.77
C ILE A 733 -15.36 -19.02 4.23
N ASP A 734 -14.37 -19.84 3.90
CA ASP A 734 -13.08 -19.37 3.44
C ASP A 734 -12.83 -19.86 2.02
N ILE A 735 -12.51 -18.93 1.13
CA ILE A 735 -12.14 -19.29 -0.23
C ILE A 735 -10.67 -19.68 -0.30
N CYS A 736 -9.90 -19.30 0.71
CA CYS A 736 -8.49 -19.69 0.92
C CYS A 736 -7.54 -19.00 -0.05
N LYS A 737 -7.94 -17.85 -0.58
CA LYS A 737 -7.09 -17.10 -1.50
C LYS A 737 -6.74 -15.76 -0.90
N ALA A 738 -5.45 -15.41 -0.97
CA ALA A 738 -4.95 -14.14 -0.48
C ALA A 738 -4.58 -13.27 -1.67
N ARG A 739 -5.04 -12.03 -1.66
CA ARG A 739 -4.77 -11.09 -2.73
C ARG A 739 -3.53 -10.28 -2.38
N MET A 740 -2.51 -10.35 -3.24
CA MET A 740 -1.24 -9.70 -2.97
C MET A 740 -0.88 -8.78 -4.14
N LYS A 741 -0.22 -7.69 -3.80
CA LYS A 741 0.20 -6.68 -4.77
C LYS A 741 1.66 -6.94 -5.14
N LEU A 742 1.87 -7.53 -6.31
CA LEU A 742 3.22 -7.78 -6.78
C LEU A 742 3.83 -6.51 -7.38
N PHE A 743 5.16 -6.45 -7.34
CA PHE A 743 5.89 -5.35 -7.95
C PHE A 743 7.19 -5.90 -8.51
N THR A 744 7.31 -5.91 -9.84
CA THR A 744 8.56 -6.24 -10.50
C THR A 744 9.33 -4.94 -10.74
N SER A 745 10.48 -4.80 -10.07
CA SER A 745 11.14 -3.50 -10.03
C SER A 745 11.87 -3.20 -11.34
N HIS A 746 12.43 -4.22 -11.99
CA HIS A 746 13.28 -3.96 -13.14
C HIS A 746 12.51 -3.43 -14.35
N ASN A 747 11.19 -3.57 -14.37
CA ASN A 747 10.37 -3.01 -15.43
C ASN A 747 9.21 -2.17 -14.91
N ASN A 748 9.17 -1.89 -13.61
CA ASN A 748 8.16 -1.03 -13.00
C ASN A 748 6.74 -1.51 -13.27
N LEU A 749 6.56 -2.83 -13.37
CA LEU A 749 5.24 -3.41 -13.60
C LEU A 749 4.64 -3.84 -12.28
N THR A 750 3.49 -3.28 -11.92
CA THR A 750 2.77 -3.62 -10.71
C THR A 750 1.56 -4.45 -11.09
N SER A 751 1.43 -5.61 -10.47
CA SER A 751 0.34 -6.53 -10.76
C SER A 751 -0.28 -7.03 -9.46
N TYR A 752 -1.57 -7.39 -9.55
CA TYR A 752 -2.31 -7.93 -8.42
C TYR A 752 -2.58 -9.40 -8.70
N ALA A 753 -2.26 -10.26 -7.74
CA ALA A 753 -2.40 -11.70 -7.91
C ALA A 753 -3.25 -12.28 -6.79
N THR A 754 -4.23 -13.09 -7.18
CA THR A 754 -5.01 -13.88 -6.23
C THR A 754 -4.29 -15.22 -6.06
N VAL A 755 -3.51 -15.32 -4.99
CA VAL A 755 -2.71 -16.50 -4.74
C VAL A 755 -3.37 -17.30 -3.62
N TRP A 756 -2.83 -18.49 -3.35
CA TRP A 756 -3.32 -19.32 -2.27
C TRP A 756 -2.93 -18.73 -0.92
N ALA A 757 -3.83 -18.84 0.04
CA ALA A 757 -3.56 -18.39 1.40
C ALA A 757 -2.72 -19.43 2.14
N SER A 758 -2.15 -19.00 3.25
CA SER A 758 -1.31 -19.86 4.07
C SER A 758 -2.11 -20.49 5.20
N LYS A 759 -1.48 -21.44 5.89
CA LYS A 759 -2.12 -22.07 7.04
C LYS A 759 -2.34 -21.07 8.17
N THR A 760 -1.40 -20.13 8.34
CA THR A 760 -1.58 -19.05 9.29
C THR A 760 -2.85 -18.26 9.02
N ASN A 761 -3.02 -17.81 7.78
CA ASN A 761 -4.23 -17.06 7.44
C ASN A 761 -5.47 -17.92 7.59
N LEU A 762 -5.39 -19.19 7.19
CA LEU A 762 -6.53 -20.08 7.28
C LEU A 762 -7.00 -20.21 8.73
N GLU A 763 -6.08 -20.45 9.66
CA GLU A 763 -6.49 -20.65 11.03
C GLU A 763 -6.83 -19.35 11.75
N GLN A 764 -6.22 -18.22 11.35
CA GLN A 764 -6.67 -16.93 11.87
C GLN A 764 -8.09 -16.62 11.43
N ARG A 765 -8.40 -16.88 10.15
CA ARG A 765 -9.76 -16.69 9.67
C ARG A 765 -10.72 -17.66 10.34
N LYS A 766 -10.25 -18.87 10.63
CA LYS A 766 -11.07 -19.83 11.37
C LYS A 766 -11.39 -19.32 12.76
N GLY A 767 -10.42 -18.71 13.42
CA GLY A 767 -10.61 -18.20 14.77
C GLY A 767 -11.62 -17.07 14.88
N ARG A 768 -12.20 -16.65 13.75
CA ARG A 768 -13.24 -15.62 13.80
C ARG A 768 -14.49 -16.14 14.49
N ALA A 769 -14.77 -17.42 14.33
CA ALA A 769 -15.86 -18.06 15.03
C ALA A 769 -15.36 -18.67 16.34
N GLY A 770 -16.30 -19.14 17.15
CA GLY A 770 -15.96 -19.77 18.41
C GLY A 770 -15.32 -18.86 19.43
N ARG A 771 -15.82 -17.64 19.57
CA ARG A 771 -15.33 -16.70 20.56
C ARG A 771 -16.37 -16.31 21.60
N VAL A 772 -17.64 -16.24 21.20
CA VAL A 772 -18.72 -15.94 22.13
C VAL A 772 -19.58 -17.19 22.27
N ARG A 773 -19.51 -18.06 21.27
CA ARG A 773 -20.27 -19.30 21.24
C ARG A 773 -19.64 -20.20 20.20
N PRO A 774 -19.88 -21.51 20.26
CA PRO A 774 -19.23 -22.42 19.30
C PRO A 774 -19.62 -22.09 17.87
N GLY A 775 -18.66 -22.31 16.95
CA GLY A 775 -18.88 -22.00 15.56
C GLY A 775 -18.46 -23.07 14.58
N PHE A 776 -18.43 -22.74 13.29
CA PHE A 776 -18.02 -23.63 12.24
C PHE A 776 -17.08 -22.90 11.28
N CYS A 777 -16.18 -23.66 10.66
CA CYS A 777 -15.30 -23.12 9.63
C CYS A 777 -15.39 -24.01 8.39
N PHE A 778 -15.76 -23.39 7.26
CA PHE A 778 -15.90 -24.10 5.99
C PHE A 778 -14.77 -23.65 5.07
N THR A 779 -13.83 -24.56 4.83
CA THR A 779 -12.63 -24.27 4.05
C THR A 779 -12.83 -24.82 2.64
N LEU A 780 -12.82 -23.91 1.65
CA LEU A 780 -13.09 -24.29 0.27
C LEU A 780 -11.80 -24.62 -0.47
N CYS A 781 -11.08 -25.58 0.10
CA CYS A 781 -9.90 -26.14 -0.56
C CYS A 781 -9.81 -27.60 -0.19
N SER A 782 -9.11 -28.37 -1.01
CA SER A 782 -8.93 -29.79 -0.77
C SER A 782 -8.07 -30.02 0.47
N ARG A 783 -8.20 -31.20 1.05
CA ARG A 783 -7.31 -31.56 2.15
C ARG A 783 -5.88 -31.70 1.66
N ALA A 784 -5.69 -32.26 0.47
CA ALA A 784 -4.35 -32.30 -0.13
C ALA A 784 -3.82 -30.90 -0.36
N ARG A 785 -4.67 -29.99 -0.84
CA ARG A 785 -4.26 -28.60 -1.04
C ARG A 785 -3.89 -27.96 0.30
N PHE A 786 -4.66 -28.23 1.35
CA PHE A 786 -4.35 -27.68 2.66
C PHE A 786 -3.01 -28.19 3.17
N GLN A 787 -2.73 -29.48 3.00
CA GLN A 787 -1.42 -30.01 3.37
C GLN A 787 -0.31 -29.40 2.52
N ALA A 788 -0.62 -29.05 1.27
CA ALA A 788 0.34 -28.38 0.40
C ALA A 788 0.51 -26.90 0.72
N LEU A 789 -0.40 -26.30 1.47
CA LEU A 789 -0.33 -24.89 1.77
C LEU A 789 0.91 -24.57 2.59
N GLU A 790 1.47 -23.38 2.35
CA GLU A 790 2.56 -22.89 3.17
C GLU A 790 2.05 -22.49 4.56
N ASP A 791 2.98 -22.42 5.51
CA ASP A 791 2.60 -22.06 6.88
C ASP A 791 2.34 -20.57 7.01
N ASN A 792 3.31 -19.74 6.64
CA ASN A 792 3.17 -18.29 6.70
C ASN A 792 3.49 -17.72 5.32
N LEU A 793 2.76 -16.67 4.96
CA LEU A 793 2.96 -16.05 3.67
C LEU A 793 4.35 -15.40 3.60
N THR A 794 4.79 -15.14 2.38
CA THR A 794 6.05 -14.45 2.20
C THR A 794 5.98 -13.06 2.82
N PRO A 795 7.00 -12.64 3.58
CA PRO A 795 6.98 -11.29 4.13
C PRO A 795 6.89 -10.24 3.04
N GLU A 796 6.12 -9.18 3.32
CA GLU A 796 5.97 -8.10 2.36
C GLU A 796 7.28 -7.36 2.13
N MET A 797 8.24 -7.51 3.04
CA MET A 797 9.56 -6.93 2.85
C MET A 797 10.23 -7.46 1.59
N PHE A 798 10.06 -8.74 1.30
CA PHE A 798 10.69 -9.39 0.16
C PHE A 798 10.14 -8.91 -1.18
N ARG A 799 9.03 -8.19 -1.19
CA ARG A 799 8.38 -7.85 -2.44
C ARG A 799 7.97 -6.38 -2.54
N THR A 800 8.17 -5.59 -1.50
CA THR A 800 7.77 -4.20 -1.57
C THR A 800 8.99 -3.29 -1.73
N PRO A 801 8.83 -2.11 -2.33
CA PRO A 801 9.90 -1.12 -2.32
C PRO A 801 10.16 -0.61 -0.91
N LEU A 802 11.38 -0.11 -0.70
CA LEU A 802 11.86 0.19 0.65
C LEU A 802 12.22 1.65 0.87
N HIS A 803 11.84 2.56 -0.05
CA HIS A 803 12.24 3.95 0.11
C HIS A 803 11.46 4.62 1.24
N GLU A 804 10.21 4.20 1.48
CA GLU A 804 9.46 4.77 2.60
C GLU A 804 10.13 4.46 3.93
N MET A 805 10.51 3.20 4.16
CA MET A 805 11.21 2.90 5.41
C MET A 805 12.62 3.46 5.42
N ALA A 806 13.26 3.62 4.27
CA ALA A 806 14.54 4.31 4.27
C ALA A 806 14.39 5.73 4.82
N LEU A 807 13.36 6.43 4.35
CA LEU A 807 13.06 7.75 4.86
C LEU A 807 12.74 7.71 6.36
N THR A 808 11.98 6.70 6.79
CA THR A 808 11.61 6.61 8.20
C THR A 808 12.82 6.32 9.08
N ILE A 809 13.72 5.44 8.64
CA ILE A 809 14.95 5.17 9.39
C ILE A 809 15.76 6.45 9.52
N LYS A 810 15.86 7.21 8.43
CA LYS A 810 16.57 8.49 8.52
C LYS A 810 15.87 9.46 9.47
N LEU A 811 14.55 9.47 9.45
CA LEU A 811 13.80 10.41 10.29
C LEU A 811 13.98 10.11 11.77
N LEU A 812 13.95 8.84 12.14
CA LEU A 812 14.10 8.43 13.53
C LEU A 812 15.55 8.36 13.97
N ARG A 813 16.50 8.58 13.06
CA ARG A 813 17.92 8.56 13.36
C ARG A 813 18.35 7.21 13.93
N LEU A 814 17.95 6.15 13.24
CA LEU A 814 18.20 4.79 13.67
C LEU A 814 19.48 4.19 13.10
N GLY A 815 20.22 4.95 12.30
CA GLY A 815 21.49 4.51 11.80
C GLY A 815 21.50 4.33 10.29
N SER A 816 22.28 3.36 9.84
CA SER A 816 22.41 3.08 8.42
C SER A 816 21.26 2.22 7.92
N ILE A 817 20.85 2.45 6.68
CA ILE A 817 19.77 1.66 6.09
C ILE A 817 20.18 0.19 5.97
N HIS A 818 21.40 -0.05 5.48
CA HIS A 818 21.87 -1.42 5.31
C HIS A 818 21.94 -2.14 6.65
N HIS A 819 22.48 -1.48 7.68
CA HIS A 819 22.55 -2.10 8.99
C HIS A 819 21.16 -2.37 9.55
N PHE A 820 20.25 -1.39 9.42
CA PHE A 820 18.93 -1.54 10.02
C PHE A 820 18.15 -2.68 9.37
N LEU A 821 18.25 -2.82 8.05
CA LEU A 821 17.58 -3.96 7.41
C LEU A 821 18.37 -5.25 7.50
N SER A 822 19.65 -5.20 7.87
CA SER A 822 20.35 -6.43 8.21
C SER A 822 19.89 -6.95 9.56
N LYS A 823 19.52 -6.06 10.47
CA LYS A 823 19.03 -6.45 11.79
C LYS A 823 17.57 -6.90 11.76
N ALA A 824 16.93 -6.93 10.60
CA ALA A 824 15.53 -7.30 10.53
C ALA A 824 15.36 -8.80 10.79
N LEU A 825 14.11 -9.19 11.05
CA LEU A 825 13.82 -10.59 11.30
C LEU A 825 14.17 -11.45 10.10
N GLU A 826 13.71 -11.05 8.92
CA GLU A 826 14.19 -11.61 7.66
C GLU A 826 14.71 -10.47 6.81
N PRO A 827 16.02 -10.30 6.71
CA PRO A 827 16.58 -9.15 5.97
C PRO A 827 16.08 -9.13 4.54
N PRO A 828 15.69 -7.96 4.04
CA PRO A 828 15.13 -7.87 2.69
C PRO A 828 16.22 -8.02 1.64
N PRO A 829 15.84 -8.24 0.38
CA PRO A 829 16.86 -8.38 -0.67
C PRO A 829 17.75 -7.15 -0.79
N VAL A 830 19.05 -7.41 -0.95
CA VAL A 830 20.03 -6.35 -1.00
C VAL A 830 19.83 -5.48 -2.25
N ASP A 831 19.37 -6.09 -3.35
CA ASP A 831 19.10 -5.30 -4.54
C ASP A 831 17.92 -4.35 -4.33
N ALA A 832 16.89 -4.79 -3.60
CA ALA A 832 15.79 -3.88 -3.27
C ALA A 832 16.26 -2.76 -2.36
N VAL A 833 17.10 -3.07 -1.37
CA VAL A 833 17.64 -2.03 -0.51
C VAL A 833 18.45 -1.02 -1.31
N ILE A 834 19.29 -1.51 -2.22
CA ILE A 834 20.11 -0.64 -3.06
C ILE A 834 19.23 0.23 -3.94
N GLU A 835 18.17 -0.35 -4.49
CA GLU A 835 17.27 0.39 -5.36
C GLU A 835 16.58 1.51 -4.60
N ALA A 836 16.11 1.22 -3.38
CA ALA A 836 15.48 2.27 -2.57
C ALA A 836 16.46 3.38 -2.23
N GLU A 837 17.69 3.01 -1.86
CA GLU A 837 18.70 4.02 -1.56
C GLU A 837 19.01 4.89 -2.76
N VAL A 838 19.14 4.28 -3.94
CA VAL A 838 19.43 5.02 -5.16
C VAL A 838 18.27 5.93 -5.52
N LEU A 839 17.04 5.44 -5.35
CA LEU A 839 15.85 6.25 -5.64
C LEU A 839 15.82 7.48 -4.75
N LEU A 840 16.05 7.30 -3.45
CA LEU A 840 15.98 8.42 -2.53
C LEU A 840 17.16 9.36 -2.70
N ARG A 841 18.30 8.86 -3.19
CA ARG A 841 19.42 9.74 -3.48
C ARG A 841 19.16 10.57 -4.72
N GLU A 842 18.62 9.96 -5.78
CA GLU A 842 18.33 10.69 -7.00
C GLU A 842 17.25 11.74 -6.76
N MET A 843 16.22 11.39 -5.98
CA MET A 843 15.17 12.36 -5.68
C MET A 843 15.63 13.39 -4.64
N ARG A 844 16.82 13.22 -4.08
CA ARG A 844 17.46 14.18 -3.17
C ARG A 844 16.77 14.24 -1.81
N CYS A 845 16.30 13.08 -1.32
CA CYS A 845 15.86 13.01 0.07
C CYS A 845 17.03 12.74 1.01
N LEU A 846 18.19 12.38 0.46
CA LEU A 846 19.43 12.30 1.20
C LEU A 846 20.51 13.07 0.46
N ASP A 847 21.54 13.48 1.20
CA ASP A 847 22.68 14.16 0.60
C ASP A 847 23.77 13.14 0.27
N ALA A 848 24.97 13.63 -0.06
CA ALA A 848 26.06 12.72 -0.40
C ALA A 848 26.48 11.86 0.79
N ASN A 849 26.36 12.38 2.01
CA ASN A 849 26.70 11.66 3.22
C ASN A 849 25.55 10.81 3.74
N ASP A 850 24.53 10.58 2.93
CA ASP A 850 23.37 9.76 3.28
C ASP A 850 22.61 10.29 4.49
N GLU A 851 22.76 11.58 4.78
CA GLU A 851 22.00 12.21 5.84
C GLU A 851 20.68 12.74 5.27
N LEU A 852 19.70 12.97 6.12
CA LEU A 852 18.39 13.44 5.70
C LEU A 852 18.44 14.94 5.46
N THR A 853 18.12 15.36 4.24
CA THR A 853 17.98 16.77 3.93
C THR A 853 16.67 17.31 4.48
N PRO A 854 16.54 18.64 4.59
CA PRO A 854 15.25 19.20 5.02
C PRO A 854 14.09 18.77 4.14
N LEU A 855 14.30 18.71 2.82
CA LEU A 855 13.28 18.18 1.92
C LEU A 855 12.95 16.74 2.24
N GLY A 856 13.99 15.92 2.48
CA GLY A 856 13.75 14.53 2.82
C GLY A 856 12.98 14.37 4.12
N ARG A 857 13.25 15.22 5.11
CA ARG A 857 12.54 15.16 6.38
C ARG A 857 11.08 15.56 6.21
N LEU A 858 10.84 16.64 5.46
CA LEU A 858 9.47 17.05 5.19
C LEU A 858 8.70 15.96 4.46
N LEU A 859 9.34 15.30 3.48
CA LEU A 859 8.70 14.21 2.77
C LEU A 859 8.50 12.99 3.66
N ALA A 860 9.43 12.76 4.60
CA ALA A 860 9.28 11.64 5.52
C ALA A 860 8.08 11.82 6.42
N ARG A 861 7.80 13.06 6.84
CA ARG A 861 6.63 13.30 7.69
C ARG A 861 5.32 13.18 6.93
N LEU A 862 5.35 13.13 5.60
CA LEU A 862 4.15 13.08 4.77
C LEU A 862 3.72 11.63 4.51
N PRO A 863 2.42 11.33 4.60
CA PRO A 863 1.92 9.97 4.36
C PRO A 863 1.63 9.67 2.90
N ILE A 864 2.59 9.99 2.02
CA ILE A 864 2.48 9.73 0.59
C ILE A 864 3.85 9.32 0.07
N GLU A 865 3.91 8.95 -1.20
CA GLU A 865 5.18 8.64 -1.83
C GLU A 865 6.06 9.88 -1.89
N PRO A 866 7.37 9.72 -1.71
CA PRO A 866 8.25 10.89 -1.73
C PRO A 866 8.20 11.70 -3.02
N ARG A 867 7.98 11.06 -4.17
CA ARG A 867 7.84 11.80 -5.42
C ARG A 867 6.60 12.68 -5.39
N LEU A 868 5.48 12.14 -4.88
CA LEU A 868 4.28 12.94 -4.73
C LEU A 868 4.49 14.07 -3.73
N GLY A 869 5.28 13.83 -2.69
CA GLY A 869 5.59 14.90 -1.75
C GLY A 869 6.46 15.98 -2.38
N LYS A 870 7.38 15.58 -3.25
CA LYS A 870 8.19 16.57 -3.97
C LYS A 870 7.31 17.44 -4.84
N MET A 871 6.35 16.83 -5.55
CA MET A 871 5.41 17.65 -6.30
C MET A 871 4.49 18.45 -5.40
N MET A 872 4.21 17.96 -4.19
CA MET A 872 3.52 18.76 -3.17
C MET A 872 4.25 20.07 -2.90
N VAL A 873 5.55 19.98 -2.60
CA VAL A 873 6.31 21.18 -2.28
C VAL A 873 6.37 22.11 -3.49
N LEU A 874 6.58 21.53 -4.68
CA LEU A 874 6.66 22.34 -5.90
C LEU A 874 5.36 23.09 -6.16
N GLY A 875 4.23 22.39 -6.02
CA GLY A 875 2.95 23.05 -6.21
C GLY A 875 2.67 24.10 -5.17
N ALA A 876 3.12 23.88 -3.94
CA ALA A 876 3.01 24.90 -2.91
C ALA A 876 3.79 26.15 -3.31
N VAL A 877 4.98 25.98 -3.87
CA VAL A 877 5.74 27.13 -4.37
C VAL A 877 4.98 27.81 -5.48
N PHE A 878 4.32 27.04 -6.34
CA PHE A 878 3.62 27.62 -7.49
C PHE A 878 2.20 28.08 -7.18
N GLY A 879 1.75 27.94 -5.94
CA GLY A 879 0.44 28.40 -5.55
C GLY A 879 -0.70 27.44 -5.82
N CYS A 880 -0.42 26.27 -6.40
CA CYS A 880 -1.45 25.27 -6.70
C CYS A 880 -1.39 24.10 -5.74
N ALA A 881 -1.11 24.38 -4.46
CA ALA A 881 -0.97 23.32 -3.47
C ALA A 881 -2.26 22.54 -3.28
N ASP A 882 -3.41 23.19 -3.39
CA ASP A 882 -4.68 22.48 -3.25
C ASP A 882 -4.85 21.43 -4.34
N LEU A 883 -4.56 21.81 -5.60
CA LEU A 883 -4.66 20.85 -6.70
C LEU A 883 -3.61 19.76 -6.58
N MET A 884 -2.39 20.12 -6.19
CA MET A 884 -1.36 19.13 -5.97
C MET A 884 -1.79 18.14 -4.89
N ALA A 885 -2.42 18.65 -3.83
CA ALA A 885 -2.86 17.79 -2.73
C ALA A 885 -3.94 16.82 -3.18
N ILE A 886 -4.97 17.33 -3.87
CA ILE A 886 -6.05 16.45 -4.30
C ILE A 886 -5.53 15.39 -5.26
N MET A 887 -4.63 15.76 -6.18
CA MET A 887 -4.13 14.81 -7.16
C MET A 887 -3.15 13.81 -6.54
N ALA A 888 -2.30 14.24 -5.61
CA ALA A 888 -1.42 13.31 -4.92
C ALA A 888 -2.21 12.33 -4.05
N SER A 889 -3.28 12.81 -3.42
CA SER A 889 -4.14 11.91 -2.65
C SER A 889 -4.83 10.91 -3.57
N TYR A 890 -5.28 11.35 -4.73
CA TYR A 890 -5.90 10.46 -5.69
C TYR A 890 -4.94 9.39 -6.20
N SER A 891 -3.69 9.79 -6.46
CA SER A 891 -2.72 8.83 -6.98
C SER A 891 -2.12 7.96 -5.90
N SER A 892 -2.45 8.18 -4.63
CA SER A 892 -1.89 7.43 -3.52
C SER A 892 -2.83 6.37 -2.97
N THR A 893 -3.98 6.17 -3.61
CA THR A 893 -4.97 5.21 -3.12
C THR A 893 -5.35 4.25 -4.23
N PHE A 894 -5.77 3.05 -3.84
CA PHE A 894 -6.22 2.06 -4.80
C PHE A 894 -7.73 2.12 -5.03
N SER A 895 -8.45 2.99 -4.33
CA SER A 895 -9.86 3.18 -4.62
C SER A 895 -10.03 3.89 -5.96
N GLU A 896 -11.20 3.73 -6.55
CA GLU A 896 -11.47 4.22 -7.90
C GLU A 896 -12.51 5.32 -7.90
N VAL A 897 -12.23 6.39 -8.65
CA VAL A 897 -13.13 7.53 -8.72
C VAL A 897 -14.42 7.18 -9.44
N PHE A 898 -14.31 6.51 -10.59
CA PHE A 898 -15.48 6.22 -11.40
C PHE A 898 -15.87 4.75 -11.26
N SER A 899 -17.17 4.52 -11.09
CA SER A 899 -17.73 3.18 -10.94
C SER A 899 -18.39 2.75 -12.25
N LEU A 900 -18.09 1.53 -12.67
CA LEU A 900 -18.64 0.95 -13.88
C LEU A 900 -19.78 0.02 -13.49
N ASP A 901 -20.90 0.12 -14.22
CA ASP A 901 -22.05 -0.72 -13.97
C ASP A 901 -21.85 -2.10 -14.59
N ILE A 902 -22.87 -2.95 -14.50
CA ILE A 902 -22.81 -4.29 -15.08
C ILE A 902 -22.76 -4.17 -16.60
N GLY A 903 -21.76 -4.81 -17.20
CA GLY A 903 -21.57 -4.72 -18.63
C GLY A 903 -20.92 -3.45 -19.12
N GLN A 904 -20.49 -2.57 -18.22
CA GLN A 904 -19.85 -1.31 -18.58
C GLN A 904 -18.38 -1.58 -18.88
N ARG A 905 -18.07 -1.79 -20.15
CA ARG A 905 -16.69 -2.01 -20.55
C ARG A 905 -15.87 -0.72 -20.53
N ARG A 906 -16.49 0.42 -20.81
CA ARG A 906 -15.80 1.71 -20.86
C ARG A 906 -16.53 2.71 -19.98
N LEU A 907 -15.92 3.88 -19.82
CA LEU A 907 -16.56 4.96 -19.08
C LEU A 907 -17.75 5.50 -19.86
N ALA A 908 -18.79 5.88 -19.12
CA ALA A 908 -19.98 6.44 -19.75
C ALA A 908 -19.73 7.88 -20.17
N ASN A 909 -20.63 8.39 -21.02
CA ASN A 909 -20.42 9.69 -21.64
C ASN A 909 -20.38 10.80 -20.59
N HIS A 910 -21.24 10.73 -19.59
CA HIS A 910 -21.26 11.76 -18.56
C HIS A 910 -19.96 11.80 -17.79
N GLN A 911 -19.39 10.64 -17.46
CA GLN A 911 -18.13 10.63 -16.73
C GLN A 911 -16.97 11.04 -17.61
N LYS A 912 -17.01 10.70 -18.90
CA LYS A 912 -15.98 11.20 -19.81
C LYS A 912 -16.06 12.71 -19.95
N ALA A 913 -17.26 13.27 -19.85
CA ALA A 913 -17.43 14.72 -19.98
C ALA A 913 -16.85 15.48 -18.81
N LEU A 914 -16.68 14.83 -17.65
CA LEU A 914 -16.14 15.52 -16.49
C LEU A 914 -14.72 15.99 -16.72
N SER A 915 -13.99 15.34 -17.64
CA SER A 915 -12.68 15.84 -18.02
C SER A 915 -12.78 16.96 -19.05
N GLY A 916 -13.97 17.22 -19.60
CA GLY A 916 -14.13 18.26 -20.57
C GLY A 916 -13.29 18.01 -21.81
N THR A 917 -12.58 19.05 -22.24
CA THR A 917 -11.65 18.94 -23.36
C THR A 917 -10.22 18.75 -22.91
N LYS A 918 -9.98 18.60 -21.60
CA LYS A 918 -8.63 18.41 -21.09
C LYS A 918 -8.14 16.98 -21.30
N CYS A 919 -9.06 16.03 -21.44
CA CYS A 919 -8.73 14.61 -21.60
C CYS A 919 -7.74 14.16 -20.54
N SER A 920 -8.18 14.22 -19.29
CA SER A 920 -7.33 13.90 -18.16
C SER A 920 -8.14 13.25 -17.06
N ASP A 921 -7.70 12.08 -16.61
CA ASP A 921 -8.33 11.44 -15.46
C ASP A 921 -8.18 12.29 -14.21
N HIS A 922 -7.03 12.95 -14.04
CA HIS A 922 -6.84 13.82 -12.89
C HIS A 922 -7.77 15.03 -12.95
N VAL A 923 -7.94 15.62 -14.12
CA VAL A 923 -8.87 16.74 -14.26
C VAL A 923 -10.29 16.28 -13.99
N ALA A 924 -10.66 15.09 -14.47
CA ALA A 924 -11.99 14.56 -14.18
C ALA A 924 -12.17 14.37 -12.69
N MET A 925 -11.16 13.82 -12.01
CA MET A 925 -11.17 13.71 -10.56
C MET A 925 -11.40 15.05 -9.89
N ILE A 926 -10.64 16.07 -10.29
CA ILE A 926 -10.73 17.37 -9.65
C ILE A 926 -12.11 17.98 -9.86
N VAL A 927 -12.65 17.90 -11.07
CA VAL A 927 -13.97 18.45 -11.35
C VAL A 927 -15.03 17.72 -10.54
N ALA A 928 -14.96 16.39 -10.52
CA ALA A 928 -15.94 15.61 -9.78
C ALA A 928 -15.88 15.93 -8.29
N SER A 929 -14.67 16.06 -7.75
CA SER A 929 -14.53 16.44 -6.35
C SER A 929 -15.06 17.85 -6.10
N GLN A 930 -14.88 18.76 -7.06
CA GLN A 930 -15.36 20.12 -6.90
C GLN A 930 -16.88 20.15 -6.81
N MET A 931 -17.57 19.39 -7.65
CA MET A 931 -19.03 19.34 -7.54
C MET A 931 -19.47 18.57 -6.30
N TRP A 932 -18.77 17.48 -5.98
CA TRP A 932 -19.14 16.65 -4.83
C TRP A 932 -18.98 17.43 -3.53
N ARG A 933 -17.99 18.31 -3.45
CA ARG A 933 -17.83 19.14 -2.26
C ARG A 933 -19.03 20.07 -2.07
N ARG A 934 -19.51 20.68 -3.15
CA ARG A 934 -20.71 21.52 -3.06
C ARG A 934 -21.92 20.71 -2.64
N GLU A 935 -22.11 19.53 -3.23
CA GLU A 935 -23.26 18.72 -2.83
C GLU A 935 -23.13 18.21 -1.40
N LYS A 936 -21.92 17.97 -0.93
CA LYS A 936 -21.70 17.59 0.46
C LYS A 936 -22.07 18.73 1.40
N GLN A 937 -21.68 19.95 1.04
CA GLN A 937 -22.09 21.10 1.84
C GLN A 937 -23.61 21.27 1.83
N ARG A 938 -24.25 21.01 0.69
CA ARG A 938 -25.70 21.09 0.62
C ARG A 938 -26.37 20.05 1.51
N GLY A 939 -25.87 18.82 1.51
CA GLY A 939 -26.43 17.79 2.36
C GLY A 939 -26.00 16.38 2.02
N GLU A 940 -26.12 15.46 3.00
CA GLU A 940 -25.65 14.09 2.80
C GLU A 940 -26.49 13.35 1.75
N HIS A 941 -27.82 13.47 1.83
CA HIS A 941 -28.67 12.79 0.87
C HIS A 941 -28.46 13.33 -0.53
N MET A 942 -28.32 14.65 -0.66
CA MET A 942 -28.02 15.24 -1.97
C MET A 942 -26.65 14.81 -2.47
N GLU A 943 -25.68 14.65 -1.58
CA GLU A 943 -24.37 14.15 -1.99
C GLU A 943 -24.46 12.73 -2.52
N ALA A 944 -25.23 11.88 -1.84
CA ALA A 944 -25.44 10.51 -2.33
C ALA A 944 -26.13 10.50 -3.67
N ARG A 945 -27.17 11.34 -3.82
CA ARG A 945 -27.85 11.45 -5.11
C ARG A 945 -26.90 11.91 -6.20
N PHE A 946 -26.03 12.87 -5.89
CA PHE A 946 -25.07 13.38 -6.88
C PHE A 946 -24.09 12.29 -7.29
N CYS A 947 -23.56 11.55 -6.31
CA CYS A 947 -22.60 10.50 -6.64
C CYS A 947 -23.25 9.41 -7.49
N ASP A 948 -24.49 9.04 -7.16
CA ASP A 948 -25.20 8.07 -7.98
C ASP A 948 -25.46 8.61 -9.39
N TRP A 949 -25.80 9.89 -9.49
CA TRP A 949 -26.08 10.50 -10.79
C TRP A 949 -24.83 10.53 -11.66
N LYS A 950 -23.70 10.89 -11.08
CA LYS A 950 -22.47 11.08 -11.85
C LYS A 950 -21.58 9.85 -11.88
N GLY A 951 -22.02 8.74 -11.28
CA GLY A 951 -21.22 7.53 -11.32
C GLY A 951 -19.91 7.61 -10.57
N LEU A 952 -19.92 8.21 -9.38
CA LEU A 952 -18.72 8.34 -8.57
C LEU A 952 -18.78 7.34 -7.40
N GLN A 953 -17.75 7.39 -6.56
CA GLN A 953 -17.68 6.58 -5.35
C GLN A 953 -17.58 7.52 -4.15
N MET A 954 -18.55 7.42 -3.25
CA MET A 954 -18.55 8.26 -2.05
C MET A 954 -17.30 8.03 -1.23
N SER A 955 -16.93 6.76 -1.04
CA SER A 955 -15.75 6.44 -0.25
C SER A 955 -14.49 6.98 -0.89
N THR A 956 -14.37 6.86 -2.21
CA THR A 956 -13.20 7.40 -2.90
C THR A 956 -13.12 8.91 -2.73
N MET A 957 -14.24 9.61 -2.93
CA MET A 957 -14.24 11.06 -2.78
C MET A 957 -13.86 11.46 -1.36
N ASN A 958 -14.44 10.79 -0.36
CA ASN A 958 -14.19 11.17 1.03
C ASN A 958 -12.76 10.88 1.44
N VAL A 959 -12.20 9.74 1.04
CA VAL A 959 -10.83 9.43 1.41
C VAL A 959 -9.86 10.37 0.69
N ILE A 960 -10.15 10.72 -0.56
CA ILE A 960 -9.30 11.67 -1.27
C ILE A 960 -9.31 13.01 -0.55
N TRP A 961 -10.50 13.46 -0.14
CA TRP A 961 -10.59 14.73 0.58
C TRP A 961 -9.87 14.66 1.91
N ASP A 962 -10.03 13.56 2.65
CA ASP A 962 -9.39 13.43 3.95
C ASP A 962 -7.87 13.44 3.83
N ALA A 963 -7.34 12.70 2.86
CA ALA A 963 -5.88 12.67 2.68
C ALA A 963 -5.36 14.02 2.21
N LYS A 964 -6.10 14.71 1.32
CA LYS A 964 -5.65 16.01 0.87
C LYS A 964 -5.68 17.03 2.00
N GLN A 965 -6.70 16.96 2.86
CA GLN A 965 -6.76 17.85 4.02
C GLN A 965 -5.62 17.56 4.98
N GLN A 966 -5.33 16.27 5.21
CA GLN A 966 -4.20 15.92 6.07
C GLN A 966 -2.88 16.43 5.50
N LEU A 967 -2.70 16.32 4.18
CA LEU A 967 -1.49 16.82 3.55
C LEU A 967 -1.38 18.33 3.70
N LEU A 968 -2.50 19.05 3.53
CA LEU A 968 -2.47 20.49 3.68
C LEU A 968 -2.17 20.90 5.12
N ASP A 969 -2.79 20.22 6.10
CA ASP A 969 -2.48 20.53 7.49
C ASP A 969 -1.03 20.24 7.82
N LEU A 970 -0.48 19.13 7.33
CA LEU A 970 0.93 18.83 7.58
C LEU A 970 1.84 19.86 6.91
N LEU A 971 1.46 20.34 5.73
CA LEU A 971 2.23 21.39 5.08
C LEU A 971 2.19 22.67 5.90
N GLN A 972 1.04 22.99 6.49
CA GLN A 972 0.96 24.13 7.39
C GLN A 972 1.85 23.95 8.61
N GLN A 973 1.83 22.75 9.21
CA GLN A 973 2.69 22.47 10.35
C GLN A 973 4.16 22.57 9.99
N ALA A 974 4.51 22.25 8.75
CA ALA A 974 5.87 22.47 8.28
C ALA A 974 6.24 23.95 8.28
N GLY A 975 5.31 24.83 7.92
CA GLY A 975 5.56 26.26 7.87
C GLY A 975 5.08 26.96 6.62
N PHE A 976 4.57 26.23 5.63
CA PHE A 976 4.13 26.87 4.39
C PHE A 976 2.91 27.74 4.66
N PRO A 977 2.86 28.94 4.11
CA PRO A 977 1.75 29.86 4.43
C PRO A 977 0.42 29.38 3.85
N GLU A 978 -0.66 29.72 4.54
CA GLU A 978 -2.00 29.38 4.08
C GLU A 978 -2.33 30.03 2.75
N GLU A 979 -1.66 31.12 2.41
CA GLU A 979 -1.88 31.88 1.18
C GLU A 979 -1.37 31.17 -0.06
N CYS A 980 -0.94 29.92 0.05
CA CYS A 980 -0.55 29.13 -1.12
C CYS A 980 -1.42 27.90 -1.31
N MET A 981 -2.53 27.78 -0.58
CA MET A 981 -3.38 26.61 -0.64
C MET A 981 -4.84 27.00 -0.88
N ILE A 982 -5.07 28.09 -1.62
CA ILE A 982 -6.43 28.51 -1.93
C ILE A 982 -7.01 27.56 -2.99
N SER A 983 -8.21 27.06 -2.72
CA SER A 983 -8.88 26.15 -3.65
C SER A 983 -9.23 26.89 -4.93
N HIS A 984 -8.50 26.59 -6.00
CA HIS A 984 -8.75 27.19 -7.31
C HIS A 984 -9.73 26.32 -8.08
N GLU A 985 -10.90 26.86 -8.38
CA GLU A 985 -11.90 26.09 -9.13
C GLU A 985 -11.40 25.82 -10.54
N VAL A 986 -11.76 24.66 -11.07
CA VAL A 986 -11.31 24.22 -12.37
C VAL A 986 -12.50 24.13 -13.30
N ASP A 987 -12.42 24.82 -14.43
CA ASP A 987 -13.45 24.76 -15.48
C ASP A 987 -12.93 23.85 -16.57
N GLU A 988 -13.44 22.61 -16.61
CA GLU A 988 -12.99 21.64 -17.59
C GLU A 988 -13.46 21.96 -18.99
N ARG A 989 -14.44 22.85 -19.15
CA ARG A 989 -14.96 23.21 -20.46
C ARG A 989 -14.16 24.30 -21.14
N ILE A 990 -13.13 24.83 -20.49
CA ILE A 990 -12.31 25.88 -21.09
C ILE A 990 -11.52 25.27 -22.24
N ASP A 991 -11.85 25.67 -23.46
CA ASP A 991 -11.13 25.23 -24.66
C ASP A 991 -10.03 26.25 -24.92
N GLY A 992 -8.83 25.94 -24.43
CA GLY A 992 -7.72 26.87 -24.56
C GLY A 992 -6.70 26.72 -23.46
N ASP A 993 -6.36 27.81 -22.80
CA ASP A 993 -5.31 27.83 -21.79
C ASP A 993 -5.90 28.11 -20.40
N ASP A 994 -5.51 27.29 -19.44
CA ASP A 994 -5.87 27.45 -18.03
C ASP A 994 -4.57 27.45 -17.23
N PRO A 995 -4.16 28.58 -16.66
CA PRO A 995 -2.82 28.64 -16.05
C PRO A 995 -2.62 27.68 -14.89
N VAL A 996 -3.49 27.73 -13.88
CA VAL A 996 -3.32 26.89 -12.70
C VAL A 996 -3.45 25.41 -13.06
N LEU A 997 -4.46 25.07 -13.86
CA LEU A 997 -4.67 23.68 -14.24
C LEU A 997 -3.51 23.15 -15.06
N ASP A 998 -2.98 23.97 -15.97
CA ASP A 998 -1.84 23.55 -16.78
C ASP A 998 -0.61 23.34 -15.94
N VAL A 999 -0.33 24.25 -15.00
CA VAL A 999 0.85 24.07 -14.17
C VAL A 999 0.68 22.85 -13.26
N SER A 1000 -0.54 22.56 -12.82
CA SER A 1000 -0.78 21.36 -12.02
C SER A 1000 -0.54 20.09 -12.85
N LEU A 1001 -1.10 20.04 -14.05
CA LEU A 1001 -0.90 18.88 -14.90
C LEU A 1001 0.56 18.72 -15.30
N ALA A 1002 1.31 19.83 -15.31
CA ALA A 1002 2.74 19.74 -15.61
C ALA A 1002 3.52 19.18 -14.43
N LEU A 1003 3.18 19.62 -13.21
CA LEU A 1003 3.81 19.02 -12.04
C LEU A 1003 3.42 17.57 -11.86
N LEU A 1004 2.31 17.16 -12.48
CA LEU A 1004 1.95 15.74 -12.50
C LEU A 1004 3.03 14.90 -13.15
N CYS A 1005 3.69 15.42 -14.18
CA CYS A 1005 4.76 14.68 -14.85
C CYS A 1005 5.92 14.42 -13.90
N LEU A 1006 6.27 15.41 -13.08
CA LEU A 1006 7.30 15.20 -12.07
C LEU A 1006 6.82 14.24 -10.99
N GLY A 1007 5.54 14.30 -10.65
CA GLY A 1007 5.03 13.46 -9.57
C GLY A 1007 4.72 12.04 -9.99
N LEU A 1008 4.79 11.75 -11.30
CA LEU A 1008 4.48 10.41 -11.80
C LEU A 1008 5.59 9.86 -12.69
N TYR A 1009 6.76 10.48 -12.70
CA TYR A 1009 7.84 9.98 -13.54
C TYR A 1009 8.25 8.58 -13.07
N PRO A 1010 8.58 7.66 -14.00
CA PRO A 1010 8.65 7.80 -15.45
C PRO A 1010 7.48 7.23 -16.23
N ASN A 1011 6.24 7.46 -15.81
CA ASN A 1011 5.09 6.87 -16.49
C ASN A 1011 4.60 7.82 -17.58
N ILE A 1012 5.28 7.78 -18.71
CA ILE A 1012 4.94 8.58 -19.88
C ILE A 1012 4.72 7.63 -21.05
N CYS A 1013 3.62 7.82 -21.77
CA CYS A 1013 3.28 6.99 -22.92
C CYS A 1013 2.88 7.87 -24.10
N VAL A 1014 3.16 7.38 -25.30
CA VAL A 1014 2.77 8.03 -26.54
C VAL A 1014 1.66 7.22 -27.19
N HIS A 1015 0.65 7.92 -27.70
CA HIS A 1015 -0.50 7.28 -28.32
C HIS A 1015 -0.21 7.04 -29.80
N LYS A 1016 -0.36 5.79 -30.24
CA LYS A 1016 -0.29 5.46 -31.66
C LYS A 1016 -1.67 5.58 -32.31
N GLU A 1017 -2.62 4.77 -31.85
CA GLU A 1017 -3.98 4.76 -32.38
C GLU A 1017 -4.84 3.91 -31.46
N LYS A 1018 -6.14 4.24 -31.41
CA LYS A 1018 -7.09 3.55 -30.55
C LYS A 1018 -6.58 3.49 -29.12
N ARG A 1019 -6.46 2.28 -28.58
CA ARG A 1019 -5.90 2.09 -27.25
C ARG A 1019 -4.41 1.79 -27.25
N LYS A 1020 -3.79 1.71 -28.43
CA LYS A 1020 -2.40 1.30 -28.52
C LYS A 1020 -1.49 2.47 -28.17
N VAL A 1021 -0.73 2.31 -27.09
CA VAL A 1021 0.23 3.31 -26.64
C VAL A 1021 1.57 2.63 -26.45
N LEU A 1022 2.63 3.43 -26.44
CA LEU A 1022 3.99 2.95 -26.22
C LEU A 1022 4.56 3.54 -24.95
N THR A 1023 5.00 2.68 -24.04
CA THR A 1023 5.73 3.11 -22.87
C THR A 1023 7.20 3.29 -23.24
N THR A 1024 8.06 3.53 -22.25
CA THR A 1024 9.44 3.87 -22.53
C THR A 1024 10.14 2.75 -23.29
N GLU A 1025 11.14 3.13 -24.10
CA GLU A 1025 11.80 2.24 -25.06
C GLU A 1025 10.80 1.66 -26.06
N SER A 1026 9.72 2.39 -26.32
CA SER A 1026 8.72 2.04 -27.32
C SER A 1026 8.13 0.66 -27.07
N LYS A 1027 7.85 0.36 -25.81
CA LYS A 1027 7.22 -0.90 -25.44
C LYS A 1027 5.70 -0.73 -25.48
N ALA A 1028 5.02 -1.72 -26.05
CA ALA A 1028 3.60 -1.62 -26.26
C ALA A 1028 2.82 -1.65 -24.96
N ALA A 1029 1.64 -1.03 -24.98
CA ALA A 1029 0.74 -1.01 -23.84
C ALA A 1029 -0.64 -0.64 -24.36
N LEU A 1030 -1.62 -0.73 -23.46
CA LEU A 1030 -3.00 -0.40 -23.79
C LEU A 1030 -3.54 0.62 -22.79
N LEU A 1031 -4.51 1.41 -23.24
CA LEU A 1031 -5.21 2.31 -22.33
C LEU A 1031 -6.17 1.53 -21.45
N HIS A 1032 -6.21 1.90 -20.17
CA HIS A 1032 -7.09 1.21 -19.24
C HIS A 1032 -8.55 1.45 -19.59
N LYS A 1033 -9.38 0.44 -19.32
CA LYS A 1033 -10.78 0.53 -19.67
C LYS A 1033 -11.52 1.61 -18.89
N THR A 1034 -10.98 2.04 -17.75
CA THR A 1034 -11.64 3.01 -16.90
C THR A 1034 -11.10 4.42 -17.08
N SER A 1035 -10.30 4.65 -18.11
CA SER A 1035 -9.73 5.96 -18.38
C SER A 1035 -10.64 6.73 -19.33
N VAL A 1036 -10.67 8.05 -19.16
CA VAL A 1036 -11.46 8.90 -20.05
C VAL A 1036 -10.92 8.88 -21.47
N ASN A 1037 -9.63 8.56 -21.64
CA ASN A 1037 -9.00 8.58 -22.95
C ASN A 1037 -9.18 7.27 -23.71
N CYS A 1038 -9.81 6.27 -23.12
CA CYS A 1038 -9.99 4.98 -23.76
C CYS A 1038 -11.29 4.97 -24.56
N SER A 1039 -11.20 4.57 -25.83
CA SER A 1039 -12.37 4.50 -26.68
C SER A 1039 -12.14 3.44 -27.75
N ASN A 1040 -13.24 2.81 -28.17
CA ASN A 1040 -13.15 1.81 -29.23
C ASN A 1040 -12.96 2.47 -30.59
N LEU A 1041 -13.47 3.69 -30.77
CA LEU A 1041 -13.30 4.41 -32.02
C LEU A 1041 -11.85 4.86 -32.17
N ALA A 1042 -11.41 4.99 -33.42
CA ALA A 1042 -10.05 5.42 -33.73
C ALA A 1042 -10.00 6.94 -33.63
N VAL A 1043 -9.99 7.42 -32.40
CA VAL A 1043 -9.99 8.86 -32.11
C VAL A 1043 -8.56 9.33 -31.94
N THR A 1044 -8.35 10.62 -32.21
CA THR A 1044 -7.05 11.25 -32.05
C THR A 1044 -7.11 12.22 -30.88
N PHE A 1045 -5.93 12.62 -30.41
CA PHE A 1045 -5.88 13.53 -29.27
C PHE A 1045 -5.15 14.81 -29.65
N PRO A 1046 -5.43 15.92 -28.96
CA PRO A 1046 -4.70 17.16 -29.26
C PRO A 1046 -3.19 17.00 -29.12
N TYR A 1047 -2.75 16.15 -28.20
CA TYR A 1047 -1.34 15.81 -28.07
C TYR A 1047 -1.24 14.30 -27.90
N PRO A 1048 -0.22 13.66 -28.48
CA PRO A 1048 -0.12 12.20 -28.39
C PRO A 1048 0.51 11.70 -27.11
N PHE A 1049 0.89 12.59 -26.19
CA PHE A 1049 1.60 12.21 -24.98
C PHE A 1049 0.66 12.20 -23.78
N PHE A 1050 0.84 11.20 -22.93
CA PHE A 1050 0.07 11.08 -21.70
C PHE A 1050 1.01 10.68 -20.56
N VAL A 1051 0.66 11.12 -19.35
CA VAL A 1051 1.33 10.68 -18.14
C VAL A 1051 0.30 9.95 -17.29
N PHE A 1052 0.61 8.71 -16.91
CA PHE A 1052 -0.33 7.86 -16.19
C PHE A 1052 0.21 7.56 -14.81
N GLY A 1053 -0.68 7.05 -13.95
CA GLY A 1053 -0.29 6.82 -12.56
C GLY A 1053 0.55 5.58 -12.39
N GLU A 1054 -0.01 4.42 -12.70
CA GLU A 1054 0.69 3.16 -12.55
C GLU A 1054 0.54 2.32 -13.80
N LYS A 1055 1.58 1.53 -14.08
CA LYS A 1055 1.60 0.58 -15.18
C LYS A 1055 1.25 -0.79 -14.62
N ILE A 1056 0.14 -1.36 -15.10
CA ILE A 1056 -0.42 -2.59 -14.56
C ILE A 1056 -0.12 -3.73 -15.51
N ARG A 1057 0.31 -4.86 -14.96
CA ARG A 1057 0.60 -6.05 -15.74
C ARG A 1057 -0.64 -6.95 -15.74
N THR A 1058 -1.24 -7.10 -16.91
CA THR A 1058 -2.37 -8.00 -17.13
C THR A 1058 -1.99 -8.87 -18.31
N ARG A 1059 -2.99 -9.52 -18.92
CA ARG A 1059 -2.81 -10.19 -20.20
C ARG A 1059 -1.99 -9.34 -21.16
N ALA A 1060 -2.13 -8.02 -21.08
CA ALA A 1060 -1.27 -7.04 -21.74
C ALA A 1060 -0.65 -6.15 -20.67
N VAL A 1061 0.02 -5.09 -21.10
CA VAL A 1061 0.44 -4.02 -20.21
C VAL A 1061 -0.51 -2.85 -20.39
N SER A 1062 -1.02 -2.32 -19.28
CA SER A 1062 -2.01 -1.25 -19.31
C SER A 1062 -1.48 -0.02 -18.60
N CYS A 1063 -1.98 1.13 -19.01
CA CYS A 1063 -1.67 2.41 -18.38
C CYS A 1063 -2.94 2.96 -17.76
N LYS A 1064 -2.85 3.38 -16.50
CA LYS A 1064 -4.02 3.75 -15.71
C LYS A 1064 -3.87 5.15 -15.16
N GLN A 1065 -5.01 5.85 -15.03
CA GLN A 1065 -5.06 7.24 -14.57
C GLN A 1065 -4.22 8.14 -15.48
N LEU A 1066 -4.67 8.25 -16.72
CA LEU A 1066 -3.94 9.00 -17.73
C LEU A 1066 -4.37 10.46 -17.75
N SER A 1067 -3.43 11.32 -18.15
CA SER A 1067 -3.70 12.75 -18.28
C SER A 1067 -2.85 13.27 -19.42
N MET A 1068 -3.50 13.82 -20.46
CA MET A 1068 -2.76 14.34 -21.59
C MET A 1068 -1.92 15.54 -21.16
N VAL A 1069 -0.66 15.56 -21.59
CA VAL A 1069 0.26 16.64 -21.28
C VAL A 1069 0.87 17.13 -22.57
N SER A 1070 1.33 18.37 -22.56
CA SER A 1070 1.98 18.93 -23.73
CA SER A 1070 1.98 18.93 -23.74
C SER A 1070 3.44 18.50 -23.78
N PRO A 1071 4.05 18.48 -24.97
CA PRO A 1071 5.47 18.11 -25.05
C PRO A 1071 6.38 19.01 -24.23
N LEU A 1072 6.04 20.29 -24.10
CA LEU A 1072 6.83 21.16 -23.22
C LEU A 1072 6.76 20.69 -21.78
N GLN A 1073 5.56 20.31 -21.31
CA GLN A 1073 5.43 19.77 -19.97
C GLN A 1073 6.24 18.50 -19.81
N VAL A 1074 6.21 17.62 -20.82
CA VAL A 1074 6.99 16.39 -20.78
C VAL A 1074 8.47 16.71 -20.61
N ILE A 1075 8.99 17.60 -21.47
CA ILE A 1075 10.41 17.94 -21.44
C ILE A 1075 10.78 18.57 -20.10
N LEU A 1076 9.93 19.45 -19.59
CA LEU A 1076 10.25 20.19 -18.37
C LEU A 1076 10.25 19.28 -17.14
N PHE A 1077 9.25 18.41 -17.02
CA PHE A 1077 9.04 17.68 -15.77
C PHE A 1077 9.18 16.18 -15.91
N GLY A 1078 8.58 15.58 -16.93
CA GLY A 1078 8.70 14.14 -17.10
C GLY A 1078 9.92 13.77 -17.90
N SER A 1079 11.10 14.13 -17.41
CA SER A 1079 12.32 13.95 -18.17
C SER A 1079 13.52 14.16 -17.26
N ARG A 1080 14.53 13.30 -17.42
CA ARG A 1080 15.78 13.45 -16.68
C ARG A 1080 16.99 13.74 -17.54
N LYS A 1081 17.10 13.16 -18.73
CA LYS A 1081 18.24 13.40 -19.59
C LYS A 1081 17.77 13.90 -20.95
N ILE A 1082 18.49 14.87 -21.49
CA ILE A 1082 18.20 15.47 -22.78
C ILE A 1082 19.43 15.31 -23.66
N ASP A 1083 19.26 14.62 -24.79
CA ASP A 1083 20.37 14.28 -25.67
C ASP A 1083 20.04 14.71 -27.09
N LEU A 1084 21.06 15.24 -27.78
CA LEU A 1084 20.92 15.66 -29.17
C LEU A 1084 21.33 14.50 -30.08
N ALA A 1085 20.42 14.06 -30.93
CA ALA A 1085 20.67 12.97 -31.86
C ALA A 1085 21.06 13.53 -33.21
N ALA A 1086 21.13 12.65 -34.22
CA ALA A 1086 21.49 13.07 -35.56
C ALA A 1086 20.32 13.79 -36.23
N ASN A 1087 20.62 14.49 -37.32
CA ASN A 1087 19.64 15.19 -38.13
C ASN A 1087 18.87 16.24 -37.32
N ASN A 1088 19.56 16.87 -36.36
CA ASN A 1088 19.02 17.97 -35.57
C ASN A 1088 17.71 17.58 -34.88
N ILE A 1089 17.71 16.41 -34.24
CA ILE A 1089 16.60 15.96 -33.42
C ILE A 1089 17.11 15.69 -32.01
N VAL A 1090 16.32 16.11 -31.01
CA VAL A 1090 16.71 15.90 -29.62
C VAL A 1090 16.05 14.63 -29.10
N ARG A 1091 16.84 13.82 -28.41
CA ARG A 1091 16.36 12.58 -27.83
C ARG A 1091 16.25 12.76 -26.32
N VAL A 1092 15.06 12.52 -25.78
CA VAL A 1092 14.83 12.57 -24.34
C VAL A 1092 14.30 11.21 -23.89
N ASP A 1093 14.85 10.71 -22.79
CA ASP A 1093 14.55 9.39 -22.25
C ASP A 1093 14.92 8.27 -23.23
N ASN A 1094 15.73 8.59 -24.23
CA ASN A 1094 16.25 7.65 -25.20
C ASN A 1094 15.17 7.04 -26.08
N TRP A 1095 13.95 7.56 -26.02
CA TRP A 1095 12.89 7.09 -26.91
C TRP A 1095 11.95 8.17 -27.44
N LEU A 1096 11.92 9.35 -26.84
CA LEU A 1096 11.00 10.40 -27.25
C LEU A 1096 11.71 11.39 -28.16
N ASN A 1097 11.18 11.58 -29.37
CA ASN A 1097 11.80 12.41 -30.38
C ASN A 1097 11.00 13.69 -30.53
N PHE A 1098 11.69 14.83 -30.49
CA PHE A 1098 11.08 16.13 -30.68
C PHE A 1098 11.92 16.91 -31.68
N ASP A 1099 11.24 17.58 -32.62
CA ASP A 1099 11.93 18.37 -33.65
C ASP A 1099 11.87 19.84 -33.24
N ILE A 1100 12.90 20.30 -32.57
CA ILE A 1100 12.97 21.67 -32.07
C ILE A 1100 14.36 22.22 -32.36
N GLU A 1101 14.61 23.44 -31.86
CA GLU A 1101 15.94 24.02 -31.92
C GLU A 1101 16.79 23.45 -30.79
N PRO A 1102 17.95 22.85 -31.08
CA PRO A 1102 18.79 22.32 -29.98
C PRO A 1102 19.16 23.35 -28.95
N GLU A 1103 19.40 24.60 -29.37
CA GLU A 1103 19.67 25.66 -28.41
C GLU A 1103 18.48 25.87 -27.49
N LEU A 1104 17.26 25.82 -28.05
CA LEU A 1104 16.07 25.94 -27.23
C LEU A 1104 15.93 24.75 -26.27
N ALA A 1105 16.27 23.55 -26.74
CA ALA A 1105 16.23 22.38 -25.86
C ALA A 1105 17.18 22.55 -24.68
N ALA A 1106 18.41 22.99 -24.95
CA ALA A 1106 19.36 23.21 -23.88
C ALA A 1106 18.89 24.30 -22.93
N LYS A 1107 18.32 25.38 -23.48
CA LYS A 1107 17.84 26.47 -22.65
C LYS A 1107 16.72 26.01 -21.73
N ILE A 1108 15.79 25.20 -22.25
CA ILE A 1108 14.68 24.70 -21.43
C ILE A 1108 15.20 23.71 -20.40
N GLY A 1109 16.11 22.82 -20.80
CA GLY A 1109 16.65 21.83 -19.88
C GLY A 1109 17.51 22.42 -18.78
N ALA A 1110 18.07 23.60 -19.00
CA ALA A 1110 18.83 24.27 -17.95
C ALA A 1110 17.97 24.69 -16.77
N LEU A 1111 16.65 24.75 -16.95
CA LEU A 1111 15.75 25.17 -15.89
C LEU A 1111 15.50 24.08 -14.85
N LYS A 1112 15.78 22.82 -15.17
CA LYS A 1112 15.54 21.75 -14.21
C LYS A 1112 16.40 21.85 -12.96
N PRO A 1113 17.71 22.08 -13.04
CA PRO A 1113 18.47 22.33 -11.79
C PRO A 1113 18.00 23.57 -11.05
N ALA A 1114 17.58 24.62 -11.76
CA ALA A 1114 17.04 25.79 -11.10
C ALA A 1114 15.76 25.44 -10.33
N LEU A 1115 14.89 24.64 -10.95
CA LEU A 1115 13.68 24.21 -10.28
C LEU A 1115 14.00 23.35 -9.05
N GLU A 1116 15.00 22.49 -9.15
CA GLU A 1116 15.40 21.68 -8.01
C GLU A 1116 15.91 22.56 -6.86
N ASP A 1117 16.71 23.58 -7.20
CA ASP A 1117 17.16 24.53 -6.18
C ASP A 1117 15.96 25.28 -5.57
N LEU A 1118 14.93 25.54 -6.38
CA LEU A 1118 13.73 26.17 -5.85
C LEU A 1118 13.05 25.28 -4.81
N ILE A 1119 12.93 23.99 -5.10
CA ILE A 1119 12.40 23.07 -4.10
C ILE A 1119 13.26 23.08 -2.84
N THR A 1120 14.58 23.12 -3.02
CA THR A 1120 15.48 23.11 -1.88
C THR A 1120 15.26 24.34 -0.98
N VAL A 1121 15.19 25.53 -1.58
CA VAL A 1121 15.03 26.73 -0.77
C VAL A 1121 13.65 26.77 -0.13
N ALA A 1122 12.63 26.30 -0.85
CA ALA A 1122 11.30 26.26 -0.27
C ALA A 1122 11.25 25.35 0.95
N CYS A 1123 11.90 24.18 0.87
CA CYS A 1123 11.92 23.28 2.01
C CYS A 1123 12.78 23.83 3.14
N ASP A 1124 13.83 24.59 2.80
CA ASP A 1124 14.64 25.21 3.84
C ASP A 1124 13.84 26.23 4.64
N ASN A 1125 13.08 27.09 3.95
CA ASN A 1125 12.29 28.13 4.61
C ASN A 1125 10.85 28.08 4.10
N PRO A 1126 10.04 27.19 4.64
CA PRO A 1126 8.64 27.09 4.18
C PRO A 1126 7.82 28.35 4.41
N SER A 1127 8.23 29.21 5.34
CA SER A 1127 7.44 30.38 5.69
C SER A 1127 7.47 31.48 4.63
N ASP A 1128 8.55 31.60 3.86
CA ASP A 1128 8.73 32.72 2.94
C ASP A 1128 8.76 32.27 1.49
N ILE A 1129 8.02 31.21 1.15
CA ILE A 1129 7.98 30.73 -0.23
C ILE A 1129 7.19 31.69 -1.12
N LEU A 1130 6.19 32.36 -0.56
CA LEU A 1130 5.41 33.31 -1.35
C LEU A 1130 6.08 34.67 -1.46
N ARG A 1131 7.16 34.90 -0.72
CA ARG A 1131 8.02 36.06 -0.90
C ARG A 1131 9.41 35.53 -1.24
N LEU A 1132 9.62 35.24 -2.53
CA LEU A 1132 10.88 34.70 -3.00
C LEU A 1132 11.77 35.82 -3.50
N GLU A 1133 13.00 35.45 -3.88
CA GLU A 1133 13.89 36.40 -4.52
C GLU A 1133 13.43 36.66 -5.94
N GLU A 1134 13.94 37.74 -6.52
CA GLU A 1134 13.59 38.10 -7.89
C GLU A 1134 13.93 37.01 -8.91
N PRO A 1135 15.14 36.41 -8.90
CA PRO A 1135 15.41 35.35 -9.89
C PRO A 1135 14.47 34.16 -9.76
N TYR A 1136 14.11 33.78 -8.53
CA TYR A 1136 13.26 32.62 -8.36
C TYR A 1136 11.81 32.93 -8.70
N ALA A 1137 11.36 34.14 -8.43
CA ALA A 1137 10.03 34.55 -8.89
C ALA A 1137 9.97 34.57 -10.42
N GLN A 1138 11.02 35.07 -11.06
CA GLN A 1138 11.08 35.03 -12.52
C GLN A 1138 11.06 33.59 -13.03
N LEU A 1139 11.78 32.70 -12.35
CA LEU A 1139 11.77 31.28 -12.72
C LEU A 1139 10.36 30.70 -12.61
N VAL A 1140 9.66 31.00 -11.51
CA VAL A 1140 8.30 30.47 -11.35
C VAL A 1140 7.40 30.98 -12.46
N LYS A 1141 7.47 32.27 -12.76
CA LYS A 1141 6.61 32.85 -13.79
C LYS A 1141 6.90 32.24 -15.17
N VAL A 1142 8.19 32.08 -15.49
CA VAL A 1142 8.51 31.51 -16.80
C VAL A 1142 8.13 30.05 -16.86
N VAL A 1143 8.22 29.32 -15.74
CA VAL A 1143 7.79 27.92 -15.76
C VAL A 1143 6.29 27.83 -15.99
N LYS A 1144 5.51 28.72 -15.37
CA LYS A 1144 4.08 28.73 -15.65
C LYS A 1144 3.80 29.05 -17.12
N ASP A 1145 4.54 30.03 -17.67
CA ASP A 1145 4.37 30.38 -19.08
C ASP A 1145 4.68 29.20 -19.99
N LEU A 1146 5.72 28.44 -19.68
CA LEU A 1146 6.02 27.21 -20.40
C LEU A 1146 4.95 26.16 -20.18
N CYS A 1147 4.33 26.17 -19.00
CA CYS A 1147 3.34 25.16 -18.66
C CYS A 1147 2.00 25.39 -19.35
N VAL A 1148 1.74 26.59 -19.86
CA VAL A 1148 0.51 26.81 -20.63
C VAL A 1148 0.49 25.83 -21.82
N LYS A 1149 -0.72 25.47 -22.25
CA LYS A 1149 -0.87 24.37 -23.19
C LYS A 1149 -0.31 24.70 -24.57
N SER A 1150 -0.63 25.87 -25.09
CA SER A 1150 -0.23 26.26 -26.45
C SER A 1150 1.12 26.96 -26.47
N ALA A 1151 1.95 26.73 -25.45
CA ALA A 1151 3.26 27.38 -25.40
C ALA A 1151 4.17 26.93 -26.54
N GLY A 1152 4.17 25.65 -26.87
CA GLY A 1152 5.03 25.14 -27.92
C GLY A 1152 4.32 24.93 -29.24
N ASP A 1153 3.15 25.54 -29.40
CA ASP A 1153 2.33 25.39 -30.60
C ASP A 1153 2.34 26.66 -31.45
N PHE A 1154 3.49 27.32 -31.54
CA PHE A 1154 3.61 28.57 -32.28
C PHE A 1154 3.75 28.28 -33.76
N GLY A 1155 2.74 28.65 -34.55
CA GLY A 1155 2.77 28.43 -35.97
C GLY A 1155 2.50 27.01 -36.42
N LEU A 1156 2.03 26.16 -35.52
CA LEU A 1156 1.77 24.76 -35.82
C LEU A 1156 0.28 24.49 -35.84
N GLN A 1157 -0.19 23.80 -36.88
CA GLN A 1157 -1.59 23.46 -36.98
C GLN A 1157 -2.03 22.50 -35.86
N ARG A 1158 -1.12 21.62 -35.44
CA ARG A 1158 -1.39 20.67 -34.37
C ARG A 1158 -2.59 19.78 -34.69
PB ADP C . -7.24 -12.56 21.38
O1B ADP C . -8.04 -13.24 20.29
O2B ADP C . -6.28 -13.49 22.06
O3B ADP C . -6.67 -11.22 21.02
PA ADP C . -9.61 -11.33 22.28
O1A ADP C . -10.24 -11.70 20.98
O2A ADP C . -9.25 -9.90 22.60
O3A ADP C . -8.32 -12.23 22.51
O5' ADP C . -10.60 -11.90 23.40
C5' ADP C . -11.60 -12.81 22.94
C4' ADP C . -12.75 -12.94 23.92
O4' ADP C . -13.19 -11.63 24.27
C3' ADP C . -13.90 -13.67 23.27
O3' ADP C . -14.28 -14.79 24.06
C2' ADP C . -15.04 -12.67 23.22
O2' ADP C . -16.19 -13.22 23.87
C1' ADP C . -14.57 -11.45 23.97
N9 ADP C . -14.71 -10.27 23.08
C8 ADP C . -13.70 -9.57 22.56
N7 ADP C . -14.17 -8.55 21.80
C5 ADP C . -15.51 -8.60 21.84
C6 ADP C . -16.62 -7.82 21.26
N6 ADP C . -16.39 -6.75 20.47
N1 ADP C . -17.88 -8.21 21.56
C2 ADP C . -18.13 -9.27 22.36
N3 ADP C . -17.17 -10.03 22.91
C4 ADP C . -15.86 -9.74 22.69
MG MG D . -8.39 -8.86 19.71
AL ALF E . -7.05 -12.77 17.92
F1 ALF E . -8.10 -14.03 17.21
F2 ALF E . -6.01 -11.52 18.64
F3 ALF E . -5.64 -13.86 17.80
F4 ALF E . -8.45 -11.68 18.04
#